data_3LRH
#
_entry.id   3LRH
#
_cell.length_a   53.090
_cell.length_b   89.660
_cell.length_c   95.000
_cell.angle_alpha   90.00
_cell.angle_beta   99.45
_cell.angle_gamma   90.00
#
_symmetry.space_group_name_H-M   'P 1 21 1'
#
loop_
_entity.id
_entity.type
_entity.pdbx_description
1 polymer 'anti-huntingtin VL domain'
2 polymer Huntingtin
3 water water
#
loop_
_entity_poly.entity_id
_entity_poly.type
_entity_poly.pdbx_seq_one_letter_code
_entity_poly.pdbx_strand_id
1 'polypeptide(L)'
;MGSQPVLTQSPSVSAAPRQRVTISVSGSNSNIGSNTVNWIQQLPGRAPELLMYDDDLLAPGVSDRFSGSRSGTSASLTIS
GLQSEDEADYYAATWDDSLNGWVFGGGTKVTVLSAHHHHHH
;
A,C,E,G,I,K,M,O
2 'polypeptide(L)' EKLMKAFESLKSFQ B,D,F,H,J,L,N,P
#
# COMPACT_ATOMS: atom_id res chain seq x y z
N PRO A 5 -27.17 13.72 -6.43
CA PRO A 5 -25.72 13.85 -6.32
C PRO A 5 -25.01 13.10 -7.46
N VAL A 6 -24.21 13.84 -8.23
CA VAL A 6 -23.49 13.27 -9.37
C VAL A 6 -22.28 12.46 -8.92
N LEU A 7 -21.74 12.78 -7.75
CA LEU A 7 -20.60 12.06 -7.21
C LEU A 7 -21.05 10.95 -6.26
N THR A 8 -20.41 9.79 -6.37
CA THR A 8 -20.76 8.63 -5.56
C THR A 8 -19.90 8.52 -4.31
N GLN A 9 -20.56 8.55 -3.16
CA GLN A 9 -19.92 8.39 -1.86
C GLN A 9 -20.65 7.34 -1.05
N SER A 10 -19.91 6.65 -0.19
CA SER A 10 -20.50 5.73 0.78
C SER A 10 -21.27 6.56 1.82
N PRO A 11 -22.41 6.02 2.32
CA PRO A 11 -23.28 6.80 3.20
C PRO A 11 -22.67 7.10 4.58
N SER A 12 -22.01 6.10 5.18
CA SER A 12 -21.42 6.27 6.51
C SER A 12 -20.16 5.43 6.73
N VAL A 13 -19.36 5.84 7.71
CA VAL A 13 -18.16 5.12 8.13
C VAL A 13 -17.93 5.29 9.63
N SER A 14 -17.52 4.22 10.31
CA SER A 14 -17.23 4.26 11.74
C SER A 14 -15.82 3.76 12.06
N ALA A 15 -15.22 4.35 13.09
CA ALA A 15 -13.93 3.87 13.60
C ALA A 15 -13.72 4.24 15.07
N ALA A 16 -12.75 3.58 15.70
CA ALA A 16 -12.33 3.87 17.07
C ALA A 16 -11.50 5.16 17.09
N PRO A 17 -11.31 5.77 18.28
CA PRO A 17 -10.44 6.94 18.41
C PRO A 17 -9.01 6.66 17.96
N ARG A 18 -8.34 7.68 17.41
CA ARG A 18 -6.95 7.59 16.94
C ARG A 18 -6.75 6.77 15.67
N GLN A 19 -7.78 6.07 15.22
CA GLN A 19 -7.70 5.30 13.98
C GLN A 19 -7.78 6.19 12.76
N ARG A 20 -7.42 5.65 11.60
CA ARG A 20 -7.47 6.37 10.34
C ARG A 20 -8.72 5.98 9.57
N VAL A 21 -9.52 6.97 9.20
CA VAL A 21 -10.69 6.76 8.33
C VAL A 21 -10.49 7.39 6.96
N THR A 22 -10.77 6.61 5.92
CA THR A 22 -10.63 7.08 4.55
C THR A 22 -11.99 7.17 3.87
N ILE A 23 -12.39 8.39 3.53
CA ILE A 23 -13.64 8.64 2.82
C ILE A 23 -13.37 8.76 1.32
N SER A 24 -13.85 7.79 0.55
CA SER A 24 -13.64 7.79 -0.88
C SER A 24 -14.82 8.40 -1.65
N VAL A 25 -14.51 8.89 -2.84
CA VAL A 25 -15.51 9.37 -3.79
C VAL A 25 -15.07 9.02 -5.21
N SER A 26 -16.03 8.65 -6.05
CA SER A 26 -15.75 8.35 -7.45
C SER A 26 -16.74 9.08 -8.36
N GLY A 27 -16.19 9.81 -9.32
CA GLY A 27 -16.99 10.54 -10.31
C GLY A 27 -16.73 10.01 -11.71
N SER A 28 -16.63 10.92 -12.68
CA SER A 28 -16.31 10.54 -14.06
C SER A 28 -15.30 11.52 -14.69
N ASN A 29 -15.05 11.34 -15.99
CA ASN A 29 -14.06 12.14 -16.73
C ASN A 29 -14.36 13.64 -16.74
N SER A 30 -15.63 14.00 -16.88
CA SER A 30 -16.02 15.40 -16.98
C SER A 30 -15.96 16.15 -15.64
N ASN A 31 -16.08 15.42 -14.52
CA ASN A 31 -15.94 16.06 -13.20
C ASN A 31 -14.59 15.80 -12.50
N ILE A 32 -14.49 14.74 -11.70
CA ILE A 32 -13.27 14.43 -10.95
C ILE A 32 -12.08 14.12 -11.86
N GLY A 33 -12.39 13.62 -13.06
CA GLY A 33 -11.37 13.21 -14.03
C GLY A 33 -10.53 14.33 -14.61
N SER A 34 -11.04 15.57 -14.57
CA SER A 34 -10.35 16.71 -15.18
C SER A 34 -10.39 17.98 -14.33
N ASN A 35 -11.14 17.94 -13.23
CA ASN A 35 -11.18 19.04 -12.27
C ASN A 35 -10.70 18.60 -10.89
N THR A 36 -10.29 19.57 -10.08
CA THR A 36 -9.77 19.29 -8.74
C THR A 36 -10.91 19.17 -7.73
N VAL A 37 -10.68 18.35 -6.70
CA VAL A 37 -11.71 18.03 -5.70
C VAL A 37 -11.62 18.93 -4.47
N ASN A 38 -12.77 19.29 -3.92
CA ASN A 38 -12.88 19.96 -2.63
C ASN A 38 -13.58 19.07 -1.62
N TRP A 39 -13.27 19.28 -0.33
CA TRP A 39 -13.97 18.58 0.74
C TRP A 39 -14.67 19.57 1.66
N ILE A 40 -15.92 19.25 1.99
CA ILE A 40 -16.76 20.09 2.82
C ILE A 40 -17.16 19.35 4.09
N GLN A 41 -16.91 19.96 5.25
CA GLN A 41 -17.26 19.41 6.54
C GLN A 41 -18.46 20.14 7.13
N GLN A 42 -19.45 19.39 7.58
CA GLN A 42 -20.60 19.94 8.29
C GLN A 42 -20.79 19.22 9.62
N LEU A 43 -20.48 19.92 10.71
CA LEU A 43 -20.65 19.39 12.06
C LEU A 43 -22.14 19.38 12.44
N PRO A 44 -22.54 18.45 13.34
CA PRO A 44 -23.91 18.42 13.81
C PRO A 44 -24.39 19.77 14.32
N GLY A 45 -25.43 20.30 13.70
CA GLY A 45 -26.03 21.56 14.11
C GLY A 45 -25.37 22.80 13.57
N ARG A 46 -24.18 22.64 13.00
CA ARG A 46 -23.42 23.78 12.50
C ARG A 46 -23.54 23.94 10.99
N ALA A 47 -23.24 25.14 10.50
CA ALA A 47 -23.15 25.42 9.08
C ALA A 47 -21.96 24.67 8.46
N PRO A 48 -22.05 24.32 7.16
CA PRO A 48 -20.92 23.65 6.53
C PRO A 48 -19.79 24.63 6.22
N GLU A 49 -18.55 24.14 6.30
CA GLU A 49 -17.37 24.96 6.05
C GLU A 49 -16.43 24.23 5.10
N LEU A 50 -15.57 25.00 4.43
CA LEU A 50 -14.57 24.40 3.57
C LEU A 50 -13.55 23.65 4.43
N LEU A 51 -13.37 22.36 4.12
CA LEU A 51 -12.38 21.55 4.84
C LEU A 51 -11.08 21.48 4.03
N MET A 52 -11.19 20.97 2.81
CA MET A 52 -10.04 20.81 1.92
C MET A 52 -10.35 21.30 0.51
N TYR A 53 -9.32 21.77 -0.18
CA TYR A 53 -9.47 22.32 -1.53
C TYR A 53 -8.25 21.98 -2.38
N ASP A 54 -8.46 21.92 -3.70
CA ASP A 54 -7.40 21.58 -4.65
C ASP A 54 -6.81 20.20 -4.34
N ASP A 55 -7.71 19.25 -4.10
CA ASP A 55 -7.38 17.84 -3.82
C ASP A 55 -6.73 17.58 -2.46
N ASP A 56 -5.68 18.33 -2.13
CA ASP A 56 -4.83 18.02 -0.99
C ASP A 56 -4.46 19.19 -0.06
N LEU A 57 -4.99 20.39 -0.34
CA LEU A 57 -4.65 21.57 0.46
C LEU A 57 -5.72 21.92 1.49
N LEU A 58 -5.26 22.21 2.71
CA LEU A 58 -6.15 22.53 3.83
C LEU A 58 -6.68 23.96 3.74
N ALA A 59 -7.97 24.12 4.04
CA ALA A 59 -8.57 25.44 4.18
C ALA A 59 -8.00 26.18 5.39
N PRO A 60 -7.94 27.53 5.32
CA PRO A 60 -7.39 28.33 6.42
C PRO A 60 -8.08 28.02 7.75
N GLY A 61 -7.32 27.49 8.71
CA GLY A 61 -7.82 27.21 10.06
C GLY A 61 -8.11 25.75 10.35
N VAL A 62 -8.05 24.92 9.31
CA VAL A 62 -8.38 23.50 9.44
C VAL A 62 -7.25 22.70 10.08
N SER A 63 -7.61 21.66 10.82
CA SER A 63 -6.66 20.77 11.50
C SER A 63 -5.76 20.03 10.51
N ASP A 64 -4.49 19.92 10.88
CA ASP A 64 -3.46 19.24 10.08
C ASP A 64 -3.67 17.73 9.97
N ARG A 65 -4.63 17.22 10.74
CA ARG A 65 -4.95 15.78 10.78
C ARG A 65 -5.65 15.31 9.51
N PHE A 66 -6.18 16.26 8.73
CA PHE A 66 -6.81 15.96 7.45
C PHE A 66 -5.80 15.97 6.31
N SER A 67 -5.88 14.96 5.45
CA SER A 67 -5.10 14.91 4.22
C SER A 67 -6.00 14.47 3.07
N GLY A 68 -5.60 14.83 1.86
CA GLY A 68 -6.41 14.52 0.67
C GLY A 68 -5.60 14.05 -0.53
N SER A 69 -6.29 13.46 -1.50
CA SER A 69 -5.67 12.91 -2.70
C SER A 69 -6.70 12.65 -3.79
N ARG A 70 -6.25 12.68 -5.05
CA ARG A 70 -7.10 12.41 -6.21
C ARG A 70 -6.32 11.69 -7.31
N SER A 71 -6.84 10.56 -7.78
CA SER A 71 -6.28 9.87 -8.95
C SER A 71 -7.37 9.32 -9.86
N GLY A 72 -7.21 9.57 -11.16
CA GLY A 72 -8.18 9.14 -12.16
C GLY A 72 -9.51 9.85 -11.98
N THR A 73 -10.57 9.06 -11.87
CA THR A 73 -11.91 9.58 -11.64
C THR A 73 -12.30 9.51 -10.16
N SER A 74 -11.33 9.18 -9.31
CA SER A 74 -11.58 9.01 -7.88
C SER A 74 -10.79 10.00 -7.02
N ALA A 75 -11.28 10.22 -5.80
CA ALA A 75 -10.59 11.02 -4.79
C ALA A 75 -10.90 10.49 -3.40
N SER A 76 -10.08 10.85 -2.42
CA SER A 76 -10.26 10.38 -1.06
C SER A 76 -9.87 11.40 0.01
N LEU A 77 -10.63 11.42 1.10
CA LEU A 77 -10.33 12.23 2.27
C LEU A 77 -9.82 11.32 3.38
N THR A 78 -8.74 11.74 4.04
CA THR A 78 -8.14 10.95 5.09
C THR A 78 -8.01 11.74 6.39
N ILE A 79 -8.69 11.27 7.42
CA ILE A 79 -8.57 11.85 8.75
C ILE A 79 -7.68 10.94 9.59
N SER A 80 -6.66 11.53 10.19
CA SER A 80 -5.74 10.79 11.04
C SER A 80 -5.93 11.18 12.50
N GLY A 81 -5.66 10.24 13.40
CA GLY A 81 -5.85 10.43 14.83
C GLY A 81 -7.29 10.79 15.17
N LEU A 82 -8.22 10.05 14.57
CA LEU A 82 -9.66 10.33 14.67
C LEU A 82 -10.10 10.74 16.08
N GLN A 83 -10.62 11.97 16.18
CA GLN A 83 -11.10 12.50 17.45
C GLN A 83 -12.61 12.67 17.42
N SER A 84 -13.21 12.80 18.61
CA SER A 84 -14.65 12.96 18.74
C SER A 84 -15.21 14.14 17.96
N GLU A 85 -14.41 15.19 17.79
CA GLU A 85 -14.84 16.41 17.11
C GLU A 85 -14.86 16.31 15.58
N ASP A 86 -14.41 15.18 15.05
CA ASP A 86 -14.45 14.89 13.61
C ASP A 86 -15.78 14.26 13.21
N GLU A 87 -16.55 13.86 14.22
CA GLU A 87 -17.87 13.26 14.04
C GLU A 87 -18.78 14.22 13.27
N ALA A 88 -18.85 14.02 11.95
CA ALA A 88 -19.57 14.93 11.05
C ALA A 88 -19.87 14.28 9.69
N ASP A 89 -20.52 15.02 8.81
CA ASP A 89 -20.80 14.59 7.44
C ASP A 89 -19.84 15.27 6.47
N TYR A 90 -19.21 14.49 5.62
CA TYR A 90 -18.19 15.00 4.69
C TYR A 90 -18.64 14.89 3.23
N TYR A 91 -18.49 15.99 2.50
CA TYR A 91 -18.98 16.09 1.12
C TYR A 91 -17.88 16.39 0.12
N ALA A 92 -17.81 15.58 -0.92
CA ALA A 92 -16.90 15.81 -2.03
C ALA A 92 -17.53 16.77 -3.02
N ALA A 93 -16.73 17.72 -3.49
CA ALA A 93 -17.20 18.73 -4.43
C ALA A 93 -16.15 18.94 -5.52
N THR A 94 -16.62 19.16 -6.74
CA THR A 94 -15.78 19.46 -7.89
C THR A 94 -16.60 20.04 -9.04
N TRP A 95 -15.94 20.67 -10.00
CA TRP A 95 -16.62 21.22 -11.18
C TRP A 95 -16.86 20.13 -12.20
N ASP A 96 -17.99 20.22 -12.89
CA ASP A 96 -18.33 19.30 -13.98
C ASP A 96 -18.34 20.06 -15.31
N ASP A 97 -17.51 19.61 -16.25
CA ASP A 97 -17.37 20.24 -17.55
C ASP A 97 -18.55 19.96 -18.48
N SER A 98 -19.26 18.87 -18.24
CA SER A 98 -20.41 18.48 -19.05
C SER A 98 -21.68 19.21 -18.62
N LEU A 99 -21.86 19.35 -17.30
CA LEU A 99 -23.03 20.03 -16.74
C LEU A 99 -22.80 21.54 -16.57
N ASN A 100 -21.55 21.97 -16.74
CA ASN A 100 -21.14 23.38 -16.62
C ASN A 100 -21.52 24.01 -15.28
N GLY A 101 -21.22 23.31 -14.20
CA GLY A 101 -21.53 23.76 -12.86
C GLY A 101 -20.97 22.84 -11.80
N TRP A 102 -21.21 23.17 -10.54
CA TRP A 102 -20.72 22.38 -9.42
C TRP A 102 -21.52 21.10 -9.23
N VAL A 103 -20.81 20.03 -8.89
CA VAL A 103 -21.44 18.76 -8.53
C VAL A 103 -20.94 18.29 -7.17
N PHE A 104 -21.79 17.55 -6.46
CA PHE A 104 -21.51 17.19 -5.08
C PHE A 104 -21.75 15.71 -4.81
N GLY A 105 -21.04 15.18 -3.84
CA GLY A 105 -21.29 13.83 -3.33
C GLY A 105 -22.51 13.82 -2.43
N GLY A 106 -23.03 12.63 -2.18
CA GLY A 106 -24.18 12.45 -1.29
C GLY A 106 -23.82 12.77 0.15
N GLY A 107 -22.60 12.42 0.54
CA GLY A 107 -22.10 12.66 1.88
C GLY A 107 -21.74 11.39 2.62
N THR A 108 -20.66 11.44 3.37
CA THR A 108 -20.26 10.33 4.24
C THR A 108 -20.27 10.80 5.70
N LYS A 109 -21.05 10.12 6.53
CA LYS A 109 -21.11 10.41 7.95
C LYS A 109 -19.99 9.68 8.68
N VAL A 110 -19.34 10.37 9.60
CA VAL A 110 -18.29 9.78 10.42
C VAL A 110 -18.77 9.66 11.86
N THR A 111 -18.64 8.45 12.43
CA THR A 111 -19.04 8.17 13.80
C THR A 111 -17.87 7.56 14.56
N VAL A 112 -17.49 8.20 15.67
CA VAL A 112 -16.39 7.75 16.52
C VAL A 112 -16.93 6.89 17.66
N LEU A 113 -16.03 6.29 18.43
CA LEU A 113 -16.39 5.37 19.51
C LEU A 113 -15.51 5.58 20.74
N GLU B 1 -6.34 31.36 -7.86
CA GLU B 1 -7.80 31.50 -7.58
C GLU B 1 -8.44 30.20 -7.09
N LYS B 2 -7.60 29.19 -6.83
CA LYS B 2 -8.06 27.87 -6.36
C LYS B 2 -8.93 27.95 -5.10
N LEU B 3 -8.42 28.65 -4.08
CA LEU B 3 -9.11 28.79 -2.81
C LEU B 3 -10.43 29.54 -2.95
N MET B 4 -10.42 30.62 -3.73
CA MET B 4 -11.62 31.41 -4.00
C MET B 4 -12.69 30.57 -4.68
N LYS B 5 -12.30 29.86 -5.73
CA LYS B 5 -13.20 28.99 -6.50
C LYS B 5 -13.80 27.91 -5.61
N ALA B 6 -12.99 27.43 -4.65
CA ALA B 6 -13.44 26.46 -3.65
C ALA B 6 -14.46 27.02 -2.66
N PHE B 7 -14.31 28.29 -2.31
CA PHE B 7 -15.32 28.98 -1.48
C PHE B 7 -16.63 29.16 -2.26
N GLU B 8 -16.51 29.36 -3.56
CA GLU B 8 -17.69 29.52 -4.43
C GLU B 8 -18.46 28.21 -4.59
N SER B 9 -17.76 27.08 -4.45
CA SER B 9 -18.41 25.77 -4.48
C SER B 9 -19.16 25.51 -3.18
N LEU B 10 -18.65 26.06 -2.07
CA LEU B 10 -19.36 26.00 -0.79
C LEU B 10 -20.62 26.87 -0.82
N LYS B 11 -20.49 28.07 -1.40
CA LYS B 11 -21.62 28.98 -1.58
C LYS B 11 -22.74 28.30 -2.38
N SER B 12 -22.35 27.62 -3.45
CA SER B 12 -23.28 26.84 -4.27
C SER B 12 -23.85 25.65 -3.50
N PHE B 13 -23.02 25.03 -2.66
CA PHE B 13 -23.43 23.87 -1.87
C PHE B 13 -24.47 24.21 -0.81
N GLN B 14 -24.13 25.15 0.06
CA GLN B 14 -25.03 25.55 1.14
C GLN B 14 -26.07 26.56 0.67
N PRO C 5 -17.12 -8.68 20.36
CA PRO C 5 -15.71 -8.85 20.01
C PRO C 5 -14.81 -7.86 20.79
N VAL C 6 -13.64 -8.33 21.21
CA VAL C 6 -12.75 -7.55 22.08
C VAL C 6 -11.92 -6.52 21.33
N LEU C 7 -11.67 -6.78 20.04
CA LEU C 7 -10.93 -5.85 19.19
C LEU C 7 -11.90 -5.00 18.37
N THR C 8 -11.57 -3.72 18.20
CA THR C 8 -12.44 -2.80 17.47
C THR C 8 -11.98 -2.60 16.02
N GLN C 9 -12.84 -3.02 15.10
CA GLN C 9 -12.63 -2.78 13.67
C GLN C 9 -13.68 -1.82 13.14
N SER C 10 -13.32 -1.09 12.09
CA SER C 10 -14.29 -0.32 11.32
C SER C 10 -15.24 -1.30 10.63
N PRO C 11 -16.56 -1.10 10.77
CA PRO C 11 -17.54 -2.08 10.27
C PRO C 11 -17.55 -2.25 8.74
N SER C 12 -17.48 -1.15 7.99
CA SER C 12 -17.42 -1.24 6.53
C SER C 12 -16.62 -0.10 5.89
N VAL C 13 -15.84 -0.44 4.87
CA VAL C 13 -15.03 0.52 4.14
C VAL C 13 -15.27 0.42 2.63
N SER C 14 -15.38 1.57 1.98
CA SER C 14 -15.57 1.65 0.52
C SER C 14 -14.38 2.30 -0.18
N ALA C 15 -14.15 1.91 -1.44
CA ALA C 15 -13.12 2.52 -2.28
C ALA C 15 -13.41 2.28 -3.76
N ALA C 16 -12.78 3.09 -4.60
CA ALA C 16 -12.92 2.98 -6.06
C ALA C 16 -12.16 1.77 -6.60
N PRO C 17 -12.49 1.32 -7.82
CA PRO C 17 -11.74 0.23 -8.46
C PRO C 17 -10.24 0.52 -8.57
N ARG C 18 -9.42 -0.52 -8.44
CA ARG C 18 -7.96 -0.43 -8.57
C ARG C 18 -7.25 0.33 -7.45
N GLN C 19 -8.00 0.82 -6.46
CA GLN C 19 -7.43 1.66 -5.39
C GLN C 19 -6.89 0.88 -4.20
N ARG C 20 -6.26 1.60 -3.28
CA ARG C 20 -5.65 1.02 -2.09
C ARG C 20 -6.55 1.24 -0.87
N VAL C 21 -6.93 0.14 -0.21
CA VAL C 21 -7.78 0.23 0.99
C VAL C 21 -7.04 -0.30 2.22
N THR C 22 -7.29 0.31 3.37
CA THR C 22 -6.66 -0.09 4.62
C THR C 22 -7.69 -0.52 5.64
N ILE C 23 -7.52 -1.74 6.15
CA ILE C 23 -8.37 -2.29 7.19
C ILE C 23 -7.59 -2.25 8.51
N SER C 24 -7.96 -1.32 9.38
CA SER C 24 -7.26 -1.14 10.64
C SER C 24 -8.05 -1.63 11.85
N VAL C 25 -7.33 -2.11 12.85
CA VAL C 25 -7.91 -2.65 14.08
C VAL C 25 -7.18 -2.09 15.30
N SER C 26 -7.93 -1.74 16.34
CA SER C 26 -7.34 -1.25 17.58
C SER C 26 -7.67 -2.18 18.75
N GLY C 27 -6.64 -2.50 19.54
CA GLY C 27 -6.81 -3.31 20.74
C GLY C 27 -6.13 -2.67 21.94
N SER C 28 -5.72 -3.49 22.91
CA SER C 28 -5.01 -3.01 24.10
C SER C 28 -3.73 -3.80 24.35
N ASN C 29 -2.96 -3.35 25.34
CA ASN C 29 -1.64 -3.92 25.66
C ASN C 29 -1.60 -5.43 25.93
N SER C 30 -2.67 -5.96 26.51
CA SER C 30 -2.76 -7.40 26.81
C SER C 30 -2.88 -8.25 25.56
N ASN C 31 -3.44 -7.67 24.49
CA ASN C 31 -3.56 -8.37 23.21
C ASN C 31 -2.56 -7.91 22.14
N ILE C 32 -2.94 -6.95 21.30
CA ILE C 32 -2.11 -6.49 20.18
C ILE C 32 -0.81 -5.83 20.67
N GLY C 33 -0.87 -5.21 21.85
CA GLY C 33 0.31 -4.61 22.47
C GLY C 33 1.41 -5.58 22.84
N SER C 34 1.07 -6.86 22.95
CA SER C 34 2.03 -7.89 23.34
C SER C 34 1.98 -9.15 22.48
N ASN C 35 1.11 -9.16 21.47
CA ASN C 35 0.96 -10.33 20.59
C ASN C 35 0.88 -9.99 19.10
N THR C 36 1.12 -11.01 18.27
CA THR C 36 1.15 -10.86 16.82
C THR C 36 -0.22 -11.06 16.20
N VAL C 37 -0.56 -10.19 15.26
CA VAL C 37 -1.89 -10.15 14.66
C VAL C 37 -1.99 -11.05 13.44
N ASN C 38 -3.02 -11.88 13.40
CA ASN C 38 -3.37 -12.68 12.23
C ASN C 38 -4.56 -12.03 11.53
N TRP C 39 -4.73 -12.35 10.25
CA TRP C 39 -5.85 -11.84 9.47
C TRP C 39 -6.63 -12.96 8.78
N ILE C 40 -7.95 -12.80 8.77
CA ILE C 40 -8.87 -13.80 8.23
C ILE C 40 -9.79 -13.15 7.21
N GLN C 41 -9.82 -13.70 6.01
CA GLN C 41 -10.79 -13.31 4.99
C GLN C 41 -11.90 -14.34 4.90
N GLN C 42 -13.14 -13.85 4.93
CA GLN C 42 -14.30 -14.69 4.63
C GLN C 42 -15.04 -14.14 3.41
N LEU C 43 -15.03 -14.89 2.33
CA LEU C 43 -15.78 -14.54 1.13
C LEU C 43 -17.28 -14.81 1.34
N PRO C 44 -18.15 -14.00 0.72
CA PRO C 44 -19.59 -14.24 0.77
C PRO C 44 -19.97 -15.68 0.43
N GLY C 45 -20.60 -16.36 1.39
CA GLY C 45 -21.05 -17.74 1.22
C GLY C 45 -20.00 -18.80 1.53
N ARG C 46 -18.75 -18.38 1.61
CA ARG C 46 -17.64 -19.32 1.80
C ARG C 46 -17.21 -19.45 3.25
N ALA C 47 -16.48 -20.51 3.54
CA ALA C 47 -15.82 -20.69 4.83
C ALA C 47 -14.67 -19.69 4.96
N PRO C 48 -14.32 -19.28 6.19
CA PRO C 48 -13.21 -18.35 6.37
C PRO C 48 -11.86 -18.99 6.03
N GLU C 49 -10.93 -18.18 5.54
CA GLU C 49 -9.57 -18.64 5.23
C GLU C 49 -8.55 -17.70 5.86
N LEU C 50 -7.46 -18.26 6.36
CA LEU C 50 -6.36 -17.45 6.89
C LEU C 50 -5.72 -16.64 5.78
N LEU C 51 -5.56 -15.34 6.03
CA LEU C 51 -5.00 -14.43 5.05
C LEU C 51 -3.55 -14.10 5.38
N MET C 52 -3.32 -13.55 6.57
CA MET C 52 -1.97 -13.22 7.03
C MET C 52 -1.75 -13.68 8.46
N TYR C 53 -0.49 -13.91 8.82
CA TYR C 53 -0.13 -14.31 10.18
C TYR C 53 1.18 -13.67 10.63
N ASP C 54 1.44 -13.70 11.94
CA ASP C 54 2.65 -13.11 12.54
C ASP C 54 2.85 -11.67 12.05
N ASP C 55 1.76 -10.89 12.11
CA ASP C 55 1.71 -9.50 11.64
C ASP C 55 1.75 -9.32 10.12
N ASP C 56 2.81 -9.82 9.49
CA ASP C 56 3.11 -9.46 8.09
C ASP C 56 3.48 -10.62 7.17
N LEU C 57 3.28 -11.86 7.61
CA LEU C 57 3.60 -13.02 6.80
C LEU C 57 2.36 -13.52 6.08
N LEU C 58 2.47 -13.74 4.78
CA LEU C 58 1.37 -14.29 4.00
C LEU C 58 1.21 -15.77 4.27
N ALA C 59 -0.04 -16.21 4.39
CA ALA C 59 -0.35 -17.62 4.42
C ALA C 59 -0.18 -18.16 2.99
N PRO C 60 0.55 -19.29 2.83
CA PRO C 60 0.74 -19.84 1.48
C PRO C 60 -0.58 -19.91 0.70
N GLY C 61 -0.54 -19.48 -0.55
CA GLY C 61 -1.74 -19.45 -1.39
C GLY C 61 -2.45 -18.10 -1.43
N VAL C 62 -2.17 -17.25 -0.44
CA VAL C 62 -2.75 -15.92 -0.38
C VAL C 62 -2.01 -14.95 -1.32
N SER C 63 -2.79 -14.19 -2.10
CA SER C 63 -2.27 -13.19 -3.03
C SER C 63 -1.39 -12.15 -2.34
N ASP C 64 -0.35 -11.70 -3.04
CA ASP C 64 0.62 -10.75 -2.50
C ASP C 64 0.08 -9.32 -2.39
N ARG C 65 -1.15 -9.12 -2.87
CA ARG C 65 -1.78 -7.80 -2.85
C ARG C 65 -2.24 -7.40 -1.45
N PHE C 66 -2.24 -8.37 -0.53
CA PHE C 66 -2.48 -8.09 0.88
C PHE C 66 -1.14 -7.92 1.60
N SER C 67 -1.04 -6.86 2.39
CA SER C 67 0.14 -6.66 3.25
C SER C 67 -0.28 -6.26 4.66
N GLY C 68 0.39 -6.84 5.65
CA GLY C 68 0.05 -6.62 7.06
C GLY C 68 1.07 -5.80 7.83
N SER C 69 0.60 -5.12 8.88
CA SER C 69 1.44 -4.23 9.69
C SER C 69 0.94 -4.15 11.13
N ARG C 70 1.86 -3.95 12.08
CA ARG C 70 1.51 -3.76 13.49
C ARG C 70 2.35 -2.68 14.15
N SER C 71 1.68 -1.74 14.83
CA SER C 71 2.34 -0.72 15.63
C SER C 71 1.56 -0.45 16.91
N GLY C 72 2.23 -0.62 18.04
CA GLY C 72 1.65 -0.36 19.36
C GLY C 72 0.49 -1.29 19.71
N THR C 73 -0.69 -0.69 19.88
CA THR C 73 -1.90 -1.43 20.23
C THR C 73 -2.81 -1.61 19.01
N SER C 74 -2.40 -1.03 17.88
CA SER C 74 -3.16 -1.13 16.65
C SER C 74 -2.44 -1.98 15.59
N ALA C 75 -3.17 -2.34 14.54
CA ALA C 75 -2.63 -3.12 13.42
C ALA C 75 -3.43 -2.85 12.15
N SER C 76 -2.85 -3.13 10.99
CA SER C 76 -3.50 -2.81 9.72
C SER C 76 -3.31 -3.87 8.64
N LEU C 77 -4.38 -4.12 7.88
CA LEU C 77 -4.35 -4.95 6.68
C LEU C 77 -4.63 -4.07 5.47
N THR C 78 -3.68 -4.02 4.54
CA THR C 78 -3.79 -3.18 3.36
C THR C 78 -3.99 -4.01 2.09
N ILE C 79 -4.91 -3.55 1.24
CA ILE C 79 -5.16 -4.20 -0.05
C ILE C 79 -4.84 -3.24 -1.20
N SER C 80 -3.80 -3.56 -1.96
CA SER C 80 -3.47 -2.79 -3.16
C SER C 80 -4.31 -3.29 -4.34
N GLY C 81 -4.63 -2.38 -5.25
CA GLY C 81 -5.40 -2.70 -6.46
C GLY C 81 -6.69 -3.43 -6.18
N LEU C 82 -7.64 -2.74 -5.54
CA LEU C 82 -8.92 -3.34 -5.15
C LEU C 82 -9.70 -3.89 -6.35
N GLN C 83 -10.10 -5.17 -6.23
CA GLN C 83 -10.82 -5.87 -7.28
C GLN C 83 -12.12 -6.47 -6.75
N SER C 84 -12.98 -6.87 -7.68
CA SER C 84 -14.23 -7.56 -7.36
C SER C 84 -14.01 -8.79 -6.46
N GLU C 85 -12.95 -9.55 -6.74
CA GLU C 85 -12.62 -10.77 -5.99
C GLU C 85 -12.25 -10.50 -4.53
N ASP C 86 -11.88 -9.26 -4.22
CA ASP C 86 -11.50 -8.84 -2.86
C ASP C 86 -12.71 -8.45 -2.02
N GLU C 87 -13.87 -8.39 -2.66
CA GLU C 87 -15.12 -7.99 -2.00
C GLU C 87 -15.54 -9.08 -1.02
N ALA C 88 -15.15 -8.90 0.25
CA ALA C 88 -15.36 -9.90 1.30
C ALA C 88 -15.33 -9.24 2.67
N ASP C 89 -15.30 -10.06 3.72
CA ASP C 89 -15.20 -9.59 5.10
C ASP C 89 -13.86 -9.97 5.72
N TYR C 90 -13.26 -9.02 6.44
CA TYR C 90 -11.91 -9.18 6.97
C TYR C 90 -11.86 -9.04 8.48
N TYR C 91 -11.15 -9.96 9.12
CA TYR C 91 -11.12 -10.06 10.58
C TYR C 91 -9.70 -10.11 11.12
N ALA C 92 -9.45 -9.40 12.22
CA ALA C 92 -8.17 -9.48 12.91
C ALA C 92 -8.26 -10.52 14.02
N ALA C 93 -7.18 -11.26 14.23
CA ALA C 93 -7.10 -12.26 15.28
C ALA C 93 -5.78 -12.16 16.03
N THR C 94 -5.85 -12.19 17.35
CA THR C 94 -4.65 -12.14 18.19
C THR C 94 -4.89 -12.80 19.55
N TRP C 95 -3.80 -13.11 20.25
CA TRP C 95 -3.89 -13.75 21.56
C TRP C 95 -4.04 -12.70 22.66
N ASP C 96 -4.87 -13.01 23.65
CA ASP C 96 -5.07 -12.13 24.80
C ASP C 96 -4.47 -12.76 26.05
N ASP C 97 -3.43 -12.13 26.59
CA ASP C 97 -2.67 -12.66 27.72
C ASP C 97 -3.48 -12.71 29.02
N SER C 98 -4.45 -11.81 29.17
CA SER C 98 -5.28 -11.72 30.37
C SER C 98 -6.55 -12.56 30.29
N LEU C 99 -7.13 -12.66 29.09
CA LEU C 99 -8.33 -13.46 28.86
C LEU C 99 -8.02 -14.94 28.61
N ASN C 100 -6.73 -15.25 28.45
CA ASN C 100 -6.22 -16.63 28.33
C ASN C 100 -6.56 -17.35 27.03
N GLY C 101 -7.10 -16.62 26.05
CA GLY C 101 -7.49 -17.22 24.77
C GLY C 101 -7.41 -16.27 23.60
N TRP C 102 -7.94 -16.71 22.46
CA TRP C 102 -7.96 -15.91 21.24
C TRP C 102 -9.04 -14.82 21.29
N VAL C 103 -8.69 -13.63 20.82
CA VAL C 103 -9.68 -12.56 20.61
C VAL C 103 -9.77 -12.14 19.15
N PHE C 104 -10.93 -11.64 18.77
CA PHE C 104 -11.22 -11.28 17.38
C PHE C 104 -11.87 -9.91 17.28
N GLY C 105 -11.82 -9.34 16.08
CA GLY C 105 -12.53 -8.10 15.78
C GLY C 105 -13.88 -8.40 15.16
N GLY C 106 -14.75 -7.39 15.15
CA GLY C 106 -16.10 -7.54 14.59
C GLY C 106 -16.14 -7.74 13.09
N GLY C 107 -15.02 -7.43 12.43
CA GLY C 107 -14.91 -7.58 10.98
C GLY C 107 -15.11 -6.28 10.23
N THR C 108 -14.62 -6.26 9.00
CA THR C 108 -14.75 -5.11 8.11
C THR C 108 -15.19 -5.59 6.74
N LYS C 109 -16.33 -5.10 6.29
CA LYS C 109 -16.80 -5.38 4.93
C LYS C 109 -16.10 -4.45 3.96
N VAL C 110 -15.59 -5.01 2.88
CA VAL C 110 -14.92 -4.23 1.84
C VAL C 110 -15.72 -4.30 0.54
N THR C 111 -16.27 -3.17 0.11
CA THR C 111 -16.97 -3.08 -1.16
C THR C 111 -16.23 -2.14 -2.13
N VAL C 112 -16.53 -2.30 -3.42
CA VAL C 112 -16.07 -1.38 -4.46
C VAL C 112 -17.18 -0.35 -4.72
N LEU C 113 -16.80 0.92 -4.75
CA LEU C 113 -17.74 2.00 -5.09
C LEU C 113 -18.21 1.90 -6.53
N GLU D 1 5.25 -23.52 13.15
CA GLU D 1 5.51 -22.66 14.34
C GLU D 1 4.37 -21.67 14.54
N LYS D 2 4.58 -20.45 14.04
CA LYS D 2 3.60 -19.36 14.15
C LYS D 2 2.41 -19.59 13.21
N LEU D 3 2.69 -20.23 12.06
CA LEU D 3 1.64 -20.61 11.11
C LEU D 3 0.65 -21.58 11.73
N MET D 4 1.18 -22.50 12.53
CA MET D 4 0.38 -23.53 13.18
C MET D 4 -0.50 -22.94 14.27
N LYS D 5 0.03 -21.96 14.99
CA LYS D 5 -0.72 -21.23 16.01
C LYS D 5 -1.76 -20.31 15.34
N ALA D 6 -1.42 -19.81 14.16
CA ALA D 6 -2.34 -18.97 13.38
C ALA D 6 -3.56 -19.75 12.90
N PHE D 7 -3.34 -21.01 12.53
CA PHE D 7 -4.44 -21.89 12.10
C PHE D 7 -5.32 -22.33 13.26
N GLU D 8 -4.77 -22.31 14.47
CA GLU D 8 -5.55 -22.59 15.68
C GLU D 8 -6.59 -21.51 15.95
N SER D 9 -6.21 -20.25 15.70
CA SER D 9 -7.13 -19.13 15.85
C SER D 9 -8.20 -19.13 14.75
N LEU D 10 -7.85 -19.65 13.59
CA LEU D 10 -8.79 -19.84 12.49
C LEU D 10 -9.85 -20.87 12.86
N LYS D 11 -9.41 -21.99 13.43
CA LYS D 11 -10.31 -23.04 13.89
C LYS D 11 -11.23 -22.51 14.98
N SER D 12 -10.65 -21.74 15.89
CA SER D 12 -11.38 -21.11 16.99
C SER D 12 -12.40 -20.09 16.48
N PHE D 13 -12.04 -19.40 15.40
CA PHE D 13 -12.90 -18.38 14.79
C PHE D 13 -14.20 -18.98 14.24
N GLN D 14 -14.09 -20.17 13.64
CA GLN D 14 -15.25 -20.85 13.06
C GLN D 14 -15.95 -21.78 14.05
N SER E 3 -18.41 -9.27 -12.40
CA SER E 3 -18.78 -10.26 -11.35
C SER E 3 -19.77 -9.67 -10.35
N GLN E 4 -20.19 -8.44 -10.62
CA GLN E 4 -21.05 -7.69 -9.69
C GLN E 4 -22.44 -8.31 -9.54
N PRO E 5 -22.88 -8.52 -8.29
CA PRO E 5 -24.22 -9.04 -7.98
C PRO E 5 -25.33 -8.20 -8.61
N VAL E 6 -26.36 -8.86 -9.11
CA VAL E 6 -27.43 -8.19 -9.85
C VAL E 6 -28.33 -7.36 -8.93
N LEU E 7 -28.65 -7.92 -7.78
CA LEU E 7 -29.48 -7.23 -6.79
C LEU E 7 -28.66 -6.22 -5.98
N THR E 8 -29.28 -5.09 -5.65
CA THR E 8 -28.59 -4.00 -4.97
C THR E 8 -28.99 -3.86 -3.51
N GLN E 9 -28.01 -4.01 -2.62
CA GLN E 9 -28.21 -3.81 -1.18
C GLN E 9 -27.33 -2.68 -0.66
N SER E 10 -27.70 -2.13 0.51
CA SER E 10 -26.87 -1.17 1.21
C SER E 10 -25.73 -1.92 1.90
N PRO E 11 -24.49 -1.37 1.89
CA PRO E 11 -23.32 -2.09 2.37
C PRO E 11 -23.33 -2.47 3.86
N SER E 12 -23.86 -1.60 4.72
CA SER E 12 -23.85 -1.85 6.17
C SER E 12 -24.90 -1.07 6.95
N VAL E 13 -25.29 -1.62 8.10
CA VAL E 13 -26.19 -0.95 9.03
C VAL E 13 -25.80 -1.29 10.48
N SER E 14 -25.91 -0.29 11.36
CA SER E 14 -25.61 -0.45 12.79
C SER E 14 -26.72 0.12 13.64
N ALA E 15 -26.93 -0.46 14.82
CA ALA E 15 -27.97 -0.01 15.75
C ALA E 15 -27.69 -0.47 17.18
N ALA E 16 -28.26 0.25 18.15
CA ALA E 16 -28.23 -0.15 19.56
C ALA E 16 -29.06 -1.42 19.77
N PRO E 17 -28.81 -2.15 20.87
CA PRO E 17 -29.60 -3.36 21.12
C PRO E 17 -31.09 -3.07 21.32
N ARG E 18 -31.93 -4.05 21.00
CA ARG E 18 -33.40 -3.94 21.03
C ARG E 18 -34.01 -3.13 19.89
N GLN E 19 -33.19 -2.34 19.20
CA GLN E 19 -33.64 -1.52 18.07
C GLN E 19 -34.01 -2.36 16.85
N ARG E 20 -34.64 -1.70 15.88
CA ARG E 20 -35.00 -2.30 14.59
C ARG E 20 -33.98 -1.94 13.51
N VAL E 21 -33.63 -2.91 12.67
CA VAL E 21 -32.90 -2.64 11.43
C VAL E 21 -33.66 -3.16 10.21
N THR E 22 -33.78 -2.31 9.20
CA THR E 22 -34.50 -2.65 7.98
C THR E 22 -33.54 -2.75 6.80
N ILE E 23 -33.29 -3.98 6.37
CA ILE E 23 -32.39 -4.27 5.25
C ILE E 23 -33.20 -4.36 3.95
N SER E 24 -32.94 -3.43 3.04
CA SER E 24 -33.67 -3.36 1.78
C SER E 24 -32.81 -3.81 0.60
N VAL E 25 -33.47 -4.23 -0.48
CA VAL E 25 -32.81 -4.68 -1.70
C VAL E 25 -33.69 -4.38 -2.92
N SER E 26 -33.09 -3.78 -3.95
CA SER E 26 -33.81 -3.52 -5.20
C SER E 26 -33.24 -4.36 -6.35
N GLY E 27 -34.12 -4.74 -7.28
CA GLY E 27 -33.75 -5.51 -8.46
C GLY E 27 -34.46 -5.00 -9.70
N SER E 28 -35.05 -5.91 -10.46
CA SER E 28 -35.83 -5.56 -11.65
C SER E 28 -37.00 -6.53 -11.91
N ASN E 29 -37.82 -6.23 -12.90
CA ASN E 29 -39.01 -7.01 -13.25
C ASN E 29 -38.78 -8.51 -13.46
N SER E 30 -37.65 -8.86 -14.07
CA SER E 30 -37.36 -10.26 -14.41
C SER E 30 -36.88 -11.07 -13.21
N ASN E 31 -36.40 -10.39 -12.17
CA ASN E 31 -36.10 -11.04 -10.90
C ASN E 31 -37.13 -10.74 -9.80
N ILE E 32 -36.79 -9.87 -8.84
CA ILE E 32 -37.68 -9.53 -7.72
C ILE E 32 -39.08 -9.09 -8.18
N GLY E 33 -39.13 -8.44 -9.34
CA GLY E 33 -40.40 -7.99 -9.93
C GLY E 33 -41.46 -9.06 -10.10
N SER E 34 -41.05 -10.29 -10.42
CA SER E 34 -42.01 -11.38 -10.60
C SER E 34 -41.64 -12.70 -9.89
N ASN E 35 -40.70 -12.64 -8.95
CA ASN E 35 -40.26 -13.84 -8.21
C ASN E 35 -40.08 -13.61 -6.70
N THR E 36 -40.43 -14.61 -5.90
CA THR E 36 -40.33 -14.53 -4.44
C THR E 36 -38.88 -14.45 -3.96
N VAL E 37 -38.68 -13.80 -2.81
CA VAL E 37 -37.35 -13.52 -2.27
C VAL E 37 -37.01 -14.44 -1.10
N ASN E 38 -35.76 -14.91 -1.10
CA ASN E 38 -35.19 -15.68 0.01
C ASN E 38 -34.09 -14.88 0.68
N TRP E 39 -34.02 -14.93 2.01
CA TRP E 39 -32.97 -14.23 2.76
C TRP E 39 -31.98 -15.21 3.39
N ILE E 40 -30.70 -14.91 3.24
CA ILE E 40 -29.62 -15.77 3.73
C ILE E 40 -28.77 -15.04 4.76
N GLN E 41 -28.54 -15.71 5.89
CA GLN E 41 -27.71 -15.18 6.97
C GLN E 41 -26.40 -15.96 7.06
N GLN E 42 -25.29 -15.21 7.18
CA GLN E 42 -23.98 -15.80 7.41
C GLN E 42 -23.32 -15.15 8.63
N LEU E 43 -23.20 -15.92 9.71
CA LEU E 43 -22.55 -15.44 10.92
C LEU E 43 -21.03 -15.50 10.74
N PRO E 44 -20.28 -14.62 11.44
CA PRO E 44 -18.82 -14.58 11.36
C PRO E 44 -18.19 -15.97 11.48
N GLY E 45 -17.36 -16.32 10.48
CA GLY E 45 -16.62 -17.58 10.49
C GLY E 45 -17.43 -18.84 10.23
N ARG E 46 -18.73 -18.67 9.99
CA ARG E 46 -19.64 -19.79 9.81
C ARG E 46 -20.16 -19.91 8.37
N ALA E 47 -20.73 -21.06 8.05
CA ALA E 47 -21.40 -21.26 6.77
C ALA E 47 -22.70 -20.48 6.76
N PRO E 48 -23.12 -19.98 5.59
CA PRO E 48 -24.39 -19.25 5.50
C PRO E 48 -25.59 -20.20 5.63
N GLU E 49 -26.63 -19.73 6.32
CA GLU E 49 -27.85 -20.51 6.51
C GLU E 49 -29.07 -19.76 5.97
N LEU E 50 -30.09 -20.53 5.55
CA LEU E 50 -31.33 -19.93 5.09
C LEU E 50 -32.07 -19.32 6.28
N LEU E 51 -32.40 -18.04 6.15
CA LEU E 51 -33.10 -17.30 7.20
C LEU E 51 -34.59 -17.25 6.88
N MET E 52 -34.91 -16.73 5.70
CA MET E 52 -36.30 -16.59 5.26
C MET E 52 -36.48 -17.00 3.80
N TYR E 53 -37.71 -17.36 3.45
CA TYR E 53 -38.02 -17.80 2.09
C TYR E 53 -39.47 -17.48 1.72
N ASP E 54 -39.76 -17.48 0.42
CA ASP E 54 -41.09 -17.21 -0.11
C ASP E 54 -41.62 -15.89 0.50
N ASP E 55 -40.83 -14.83 0.30
CA ASP E 55 -41.11 -13.48 0.80
C ASP E 55 -41.07 -13.32 2.32
N ASP E 56 -41.98 -13.99 3.02
CA ASP E 56 -42.19 -13.74 4.45
C ASP E 56 -42.22 -14.97 5.36
N LEU E 57 -41.91 -16.14 4.82
CA LEU E 57 -41.93 -17.38 5.61
C LEU E 57 -40.56 -17.67 6.22
N LEU E 58 -40.55 -18.01 7.52
CA LEU E 58 -39.31 -18.31 8.24
C LEU E 58 -38.81 -19.71 7.92
N ALA E 59 -37.49 -19.84 7.80
CA ALA E 59 -36.85 -21.14 7.66
C ALA E 59 -36.88 -21.89 9.00
N PRO E 60 -37.02 -23.23 8.96
CA PRO E 60 -37.12 -24.04 10.18
C PRO E 60 -36.02 -23.74 11.19
N GLY E 61 -36.41 -23.29 12.38
CA GLY E 61 -35.45 -22.98 13.44
C GLY E 61 -35.19 -21.51 13.69
N VAL E 62 -35.43 -20.69 12.65
CA VAL E 62 -35.17 -19.25 12.71
C VAL E 62 -36.17 -18.54 13.64
N SER E 63 -35.66 -17.57 14.40
CA SER E 63 -36.45 -16.76 15.32
C SER E 63 -37.45 -15.84 14.61
N ASP E 64 -38.58 -15.58 15.27
CA ASP E 64 -39.64 -14.74 14.71
C ASP E 64 -39.32 -13.24 14.79
N ARG E 65 -38.11 -12.92 15.26
CA ARG E 65 -37.63 -11.54 15.29
C ARG E 65 -37.26 -11.05 13.88
N PHE E 66 -37.19 -12.01 12.95
CA PHE E 66 -36.99 -11.72 11.54
C PHE E 66 -38.33 -11.75 10.80
N SER E 67 -38.49 -10.80 9.87
CA SER E 67 -39.70 -10.70 9.04
C SER E 67 -39.36 -10.07 7.70
N GLY E 68 -40.08 -10.51 6.66
CA GLY E 68 -39.84 -10.01 5.30
C GLY E 68 -41.10 -9.61 4.57
N SER E 69 -40.91 -8.92 3.44
CA SER E 69 -42.00 -8.46 2.57
C SER E 69 -41.46 -8.06 1.20
N ARG E 70 -42.37 -7.98 0.22
CA ARG E 70 -42.01 -7.59 -1.14
C ARG E 70 -43.08 -6.75 -1.81
N SER E 71 -42.74 -5.51 -2.14
CA SER E 71 -43.59 -4.63 -2.96
C SER E 71 -42.86 -4.19 -4.22
N GLY E 72 -43.49 -4.44 -5.37
CA GLY E 72 -42.91 -4.11 -6.67
C GLY E 72 -41.67 -4.90 -6.98
N THR E 73 -40.58 -4.18 -7.27
CA THR E 73 -39.30 -4.79 -7.64
C THR E 73 -38.27 -4.76 -6.51
N SER E 74 -38.71 -4.34 -5.33
CA SER E 74 -37.84 -4.30 -4.16
C SER E 74 -38.36 -5.17 -3.01
N ALA E 75 -37.46 -5.54 -2.10
CA ALA E 75 -37.80 -6.36 -0.94
C ALA E 75 -37.07 -5.88 0.30
N SER E 76 -37.58 -6.22 1.48
CA SER E 76 -36.96 -5.82 2.73
C SER E 76 -36.91 -6.94 3.77
N LEU E 77 -35.86 -6.92 4.58
CA LEU E 77 -35.74 -7.79 5.74
C LEU E 77 -35.71 -6.94 7.00
N THR E 78 -36.60 -7.25 7.94
CA THR E 78 -36.66 -6.52 9.20
C THR E 78 -36.19 -7.42 10.35
N ILE E 79 -35.20 -6.91 11.08
CA ILE E 79 -34.71 -7.56 12.30
C ILE E 79 -35.18 -6.74 13.49
N SER E 80 -36.01 -7.36 14.33
CA SER E 80 -36.53 -6.70 15.53
C SER E 80 -35.85 -7.27 16.78
N GLY E 81 -35.83 -6.47 17.85
CA GLY E 81 -35.17 -6.85 19.10
C GLY E 81 -33.72 -7.25 18.91
N LEU E 82 -32.95 -6.35 18.29
CA LEU E 82 -31.57 -6.63 17.88
C LEU E 82 -30.69 -7.17 19.01
N GLN E 83 -29.97 -8.25 18.71
CA GLN E 83 -29.10 -8.92 19.66
C GLN E 83 -27.70 -9.09 19.09
N SER E 84 -26.73 -9.40 19.96
CA SER E 84 -25.36 -9.70 19.53
C SER E 84 -25.30 -10.83 18.50
N GLU E 85 -26.16 -11.82 18.63
CA GLU E 85 -26.18 -12.99 17.75
C GLU E 85 -26.77 -12.69 16.37
N ASP E 86 -27.31 -11.48 16.21
CA ASP E 86 -27.84 -11.03 14.93
C ASP E 86 -26.75 -10.39 14.07
N GLU E 87 -25.58 -10.16 14.67
CA GLU E 87 -24.42 -9.63 13.95
C GLU E 87 -23.95 -10.61 12.89
N ALA E 88 -24.25 -10.29 11.63
CA ALA E 88 -24.01 -11.19 10.50
C ALA E 88 -24.08 -10.41 9.19
N ASP E 89 -23.83 -11.12 8.09
CA ASP E 89 -24.06 -10.60 6.75
C ASP E 89 -25.36 -11.18 6.20
N TYR E 90 -26.23 -10.30 5.70
CA TYR E 90 -27.52 -10.72 5.19
C TYR E 90 -27.60 -10.54 3.68
N TYR E 91 -28.01 -11.60 2.99
CA TYR E 91 -28.06 -11.62 1.54
C TYR E 91 -29.47 -11.89 1.03
N ALA E 92 -29.87 -11.15 -0.01
CA ALA E 92 -31.15 -11.38 -0.68
C ALA E 92 -30.93 -12.29 -1.87
N ALA E 93 -31.87 -13.21 -2.09
CA ALA E 93 -31.80 -14.16 -3.19
C ALA E 93 -33.14 -14.28 -3.88
N THR E 94 -33.10 -14.50 -5.20
CA THR E 94 -34.29 -14.75 -6.01
C THR E 94 -33.90 -15.24 -7.41
N TRP E 95 -34.90 -15.74 -8.14
CA TRP E 95 -34.70 -16.26 -9.48
C TRP E 95 -34.80 -15.14 -10.52
N ASP E 96 -33.99 -15.22 -11.56
CA ASP E 96 -34.05 -14.27 -12.67
C ASP E 96 -34.50 -14.98 -13.96
N ASP E 97 -35.55 -14.45 -14.58
CA ASP E 97 -36.19 -15.07 -15.75
C ASP E 97 -35.40 -14.88 -17.04
N SER E 98 -34.64 -13.79 -17.12
CA SER E 98 -33.81 -13.51 -18.30
C SER E 98 -32.47 -14.24 -18.23
N LEU E 99 -31.86 -14.22 -17.05
CA LEU E 99 -30.59 -14.90 -16.82
C LEU E 99 -30.75 -16.41 -16.66
N ASN E 100 -31.97 -16.84 -16.35
CA ASN E 100 -32.31 -18.25 -16.13
C ASN E 100 -31.53 -18.88 -14.97
N GLY E 101 -31.39 -18.12 -13.89
CA GLY E 101 -30.69 -18.61 -12.70
C GLY E 101 -30.95 -17.76 -11.48
N TRP E 102 -30.36 -18.15 -10.35
CA TRP E 102 -30.43 -17.39 -9.12
C TRP E 102 -29.58 -16.13 -9.23
N VAL E 103 -30.07 -15.04 -8.65
CA VAL E 103 -29.29 -13.82 -8.47
C VAL E 103 -29.27 -13.45 -6.99
N PHE E 104 -28.26 -12.69 -6.58
CA PHE E 104 -28.06 -12.35 -5.17
C PHE E 104 -27.70 -10.89 -4.98
N GLY E 105 -27.98 -10.36 -3.79
CA GLY E 105 -27.51 -9.04 -3.40
C GLY E 105 -26.08 -9.10 -2.92
N GLY E 106 -25.42 -7.94 -2.87
CA GLY E 106 -24.02 -7.85 -2.46
C GLY E 106 -23.79 -7.94 -0.96
N GLY E 107 -24.89 -8.03 -0.20
CA GLY E 107 -24.80 -8.24 1.25
C GLY E 107 -24.89 -6.98 2.09
N THR E 108 -25.50 -7.10 3.26
CA THR E 108 -25.57 -6.02 4.24
C THR E 108 -25.04 -6.50 5.59
N LYS E 109 -23.97 -5.86 6.06
CA LYS E 109 -23.41 -6.17 7.37
C LYS E 109 -24.22 -5.50 8.48
N VAL E 110 -24.53 -6.27 9.51
CA VAL E 110 -25.24 -5.77 10.68
C VAL E 110 -24.34 -5.81 11.90
N THR E 111 -24.18 -4.65 12.54
CA THR E 111 -23.36 -4.51 13.74
C THR E 111 -24.20 -3.94 14.88
N VAL E 112 -23.80 -4.24 16.11
CA VAL E 112 -24.47 -3.75 17.31
C VAL E 112 -23.64 -2.64 17.96
N LEU E 113 -24.23 -1.45 18.07
CA LEU E 113 -23.60 -0.33 18.76
C LEU E 113 -23.73 -0.52 20.28
N SER E 114 -22.58 -0.52 20.97
CA SER E 114 -22.54 -0.73 22.41
C SER E 114 -21.25 -0.21 23.02
N GLU F 1 -42.06 -28.18 -1.92
CA GLU F 1 -41.83 -27.51 -3.23
C GLU F 1 -41.04 -26.21 -3.08
N LYS F 2 -41.64 -25.24 -2.40
CA LYS F 2 -41.04 -23.92 -2.21
C LYS F 2 -39.82 -23.94 -1.28
N LEU F 3 -39.89 -24.71 -0.20
CA LEU F 3 -38.79 -24.84 0.74
C LEU F 3 -37.58 -25.55 0.13
N MET F 4 -37.84 -26.56 -0.71
CA MET F 4 -36.80 -27.21 -1.49
C MET F 4 -36.04 -26.20 -2.35
N LYS F 5 -36.79 -25.47 -3.19
CA LYS F 5 -36.23 -24.47 -4.09
C LYS F 5 -35.51 -23.36 -3.33
N ALA F 6 -36.01 -23.04 -2.14
CA ALA F 6 -35.36 -22.06 -1.25
C ALA F 6 -33.96 -22.52 -0.86
N PHE F 7 -33.82 -23.81 -0.53
CA PHE F 7 -32.50 -24.39 -0.21
C PHE F 7 -31.62 -24.49 -1.44
N GLU F 8 -32.24 -24.63 -2.61
CA GLU F 8 -31.52 -24.70 -3.89
C GLU F 8 -30.82 -23.38 -4.21
N SER F 9 -31.41 -22.26 -3.76
CA SER F 9 -30.82 -20.94 -3.93
C SER F 9 -29.58 -20.75 -3.05
N LEU F 10 -29.60 -21.36 -1.87
CA LEU F 10 -28.47 -21.33 -0.96
C LEU F 10 -27.33 -22.22 -1.46
N LYS F 11 -27.67 -23.43 -1.91
CA LYS F 11 -26.69 -24.35 -2.52
C LYS F 11 -25.99 -23.68 -3.70
N SER F 12 -26.76 -22.89 -4.46
CA SER F 12 -26.21 -22.09 -5.55
C SER F 12 -25.35 -20.94 -5.04
N PHE F 13 -25.74 -20.36 -3.91
CA PHE F 13 -25.04 -19.22 -3.31
C PHE F 13 -23.67 -19.58 -2.74
N GLN F 14 -23.63 -20.64 -1.93
CA GLN F 14 -22.39 -21.04 -1.27
C GLN F 14 -21.59 -22.06 -2.10
N PRO G 5 -22.01 12.61 22.27
CA PRO G 5 -23.18 11.86 21.83
C PRO G 5 -23.64 10.85 22.90
N VAL G 6 -24.61 11.26 23.71
CA VAL G 6 -25.12 10.43 24.81
C VAL G 6 -26.19 9.44 24.32
N LEU G 7 -27.12 9.93 23.51
CA LEU G 7 -28.18 9.08 22.96
C LEU G 7 -27.67 8.30 21.76
N THR G 8 -28.13 7.07 21.61
CA THR G 8 -27.63 6.17 20.56
C THR G 8 -28.62 6.01 19.40
N GLN G 9 -28.16 6.35 18.20
CA GLN G 9 -28.94 6.23 16.97
C GLN G 9 -28.15 5.49 15.90
N SER G 10 -28.88 4.87 14.95
CA SER G 10 -28.27 4.30 13.76
C SER G 10 -27.61 5.40 12.94
N PRO G 11 -26.33 5.24 12.57
CA PRO G 11 -25.60 6.25 11.80
C PRO G 11 -26.27 6.59 10.48
N SER G 12 -26.65 5.57 9.70
CA SER G 12 -27.30 5.78 8.41
C SER G 12 -28.21 4.62 8.01
N VAL G 13 -29.34 4.97 7.39
CA VAL G 13 -30.29 3.98 6.89
C VAL G 13 -30.75 4.32 5.47
N SER G 14 -30.82 3.30 4.62
CA SER G 14 -31.35 3.43 3.27
C SER G 14 -32.75 2.85 3.15
N ALA G 15 -33.53 3.39 2.22
CA ALA G 15 -34.88 2.92 1.94
C ALA G 15 -35.36 3.39 0.57
N ALA G 16 -36.27 2.62 -0.02
CA ALA G 16 -36.89 2.97 -1.30
C ALA G 16 -37.79 4.20 -1.15
N PRO G 17 -38.06 4.90 -2.27
CA PRO G 17 -39.04 5.99 -2.25
C PRO G 17 -40.47 5.48 -1.99
N ARG G 18 -41.31 6.36 -1.44
CA ARG G 18 -42.71 6.04 -1.08
C ARG G 18 -42.83 5.09 0.12
N GLN G 19 -41.70 4.60 0.62
CA GLN G 19 -41.67 3.66 1.74
C GLN G 19 -41.72 4.36 3.10
N ARG G 20 -42.02 3.59 4.15
CA ARG G 20 -42.07 4.10 5.51
C ARG G 20 -40.78 3.76 6.25
N VAL G 21 -40.22 4.75 6.96
CA VAL G 21 -39.00 4.53 7.74
C VAL G 21 -39.12 5.01 9.18
N THR G 22 -38.73 4.14 10.10
CA THR G 22 -38.70 4.48 11.51
C THR G 22 -37.27 4.68 11.97
N ILE G 23 -36.98 5.86 12.52
CA ILE G 23 -35.70 6.17 13.12
C ILE G 23 -35.82 6.06 14.63
N SER G 24 -35.18 5.05 15.22
CA SER G 24 -35.25 4.84 16.66
C SER G 24 -33.99 5.29 17.39
N VAL G 25 -34.19 5.86 18.58
CA VAL G 25 -33.11 6.35 19.43
C VAL G 25 -33.21 5.73 20.83
N SER G 26 -32.07 5.25 21.34
CA SER G 26 -32.01 4.59 22.64
C SER G 26 -31.35 5.48 23.69
N GLY G 27 -32.07 5.73 24.80
CA GLY G 27 -31.54 6.51 25.92
C GLY G 27 -31.63 5.76 27.24
N SER G 28 -31.59 6.50 28.35
CA SER G 28 -31.66 5.91 29.69
C SER G 28 -32.70 6.60 30.57
N ASN G 29 -32.88 6.06 31.79
CA ASN G 29 -33.84 6.59 32.76
C ASN G 29 -33.70 8.09 33.02
N SER G 30 -32.47 8.58 33.00
CA SER G 30 -32.19 9.99 33.29
C SER G 30 -32.69 10.95 32.20
N ASN G 31 -32.37 10.63 30.94
CA ASN G 31 -32.81 11.47 29.82
C ASN G 31 -34.20 11.13 29.28
N ILE G 32 -34.24 10.33 28.21
CA ILE G 32 -35.49 9.98 27.51
C ILE G 32 -36.52 9.36 28.46
N GLY G 33 -36.06 8.53 29.38
CA GLY G 33 -36.93 7.84 30.33
C GLY G 33 -37.64 8.69 31.37
N SER G 34 -37.37 10.00 31.37
CA SER G 34 -38.01 10.93 32.31
C SER G 34 -38.19 12.34 31.73
N ASN G 35 -37.88 12.50 30.46
CA ASN G 35 -38.06 13.76 29.76
C ASN G 35 -38.61 13.52 28.36
N THR G 36 -39.31 14.51 27.82
CA THR G 36 -39.85 14.40 26.47
C THR G 36 -38.75 14.56 25.41
N VAL G 37 -39.02 14.02 24.22
CA VAL G 37 -38.05 13.97 23.13
C VAL G 37 -38.44 14.92 22.00
N ASN G 38 -37.42 15.61 21.47
CA ASN G 38 -37.57 16.46 20.30
C ASN G 38 -36.84 15.83 19.13
N TRP G 39 -37.21 16.23 17.92
CA TRP G 39 -36.51 15.77 16.72
C TRP G 39 -36.07 16.96 15.86
N ILE G 40 -34.81 16.93 15.46
CA ILE G 40 -34.19 17.99 14.68
C ILE G 40 -33.75 17.45 13.32
N GLN G 41 -34.16 18.13 12.25
CA GLN G 41 -33.76 17.77 10.89
C GLN G 41 -32.68 18.73 10.36
N GLN G 42 -31.67 18.18 9.73
CA GLN G 42 -30.64 18.97 9.07
C GLN G 42 -30.43 18.47 7.63
N LEU G 43 -30.98 19.21 6.67
CA LEU G 43 -30.75 18.94 5.26
C LEU G 43 -29.26 19.13 4.96
N PRO G 44 -28.72 18.36 4.00
CA PRO G 44 -27.29 18.46 3.68
C PRO G 44 -26.89 19.89 3.32
N GLY G 45 -25.97 20.45 4.11
CA GLY G 45 -25.45 21.80 3.88
C GLY G 45 -26.29 22.91 4.46
N ARG G 46 -27.38 22.56 5.12
CA ARG G 46 -28.36 23.53 5.62
C ARG G 46 -28.30 23.71 7.14
N ALA G 47 -29.00 24.74 7.61
CA ALA G 47 -29.17 24.98 9.04
C ALA G 47 -30.14 23.95 9.62
N PRO G 48 -29.89 23.52 10.87
CA PRO G 48 -30.80 22.55 11.51
C PRO G 48 -32.13 23.21 11.84
N GLU G 49 -33.22 22.45 11.75
CA GLU G 49 -34.54 22.96 12.04
C GLU G 49 -35.26 22.04 13.02
N LEU G 50 -36.14 22.60 13.83
CA LEU G 50 -37.01 21.79 14.66
C LEU G 50 -38.07 21.13 13.79
N LEU G 51 -38.26 19.83 14.00
CA LEU G 51 -39.16 19.04 13.17
C LEU G 51 -40.30 18.47 14.01
N MET G 52 -39.97 18.06 15.23
CA MET G 52 -40.90 17.42 16.13
C MET G 52 -40.49 17.76 17.55
N TYR G 53 -41.46 17.94 18.43
CA TYR G 53 -41.17 18.20 19.83
C TYR G 53 -42.21 17.58 20.76
N ASP G 54 -41.89 17.55 22.06
CA ASP G 54 -42.79 17.03 23.10
C ASP G 54 -43.31 15.65 22.70
N ASP G 55 -42.37 14.76 22.35
CA ASP G 55 -42.65 13.40 21.89
C ASP G 55 -43.27 13.33 20.50
N ASP G 56 -44.45 13.91 20.34
CA ASP G 56 -45.26 13.71 19.13
C ASP G 56 -45.86 14.98 18.49
N LEU G 57 -45.58 16.14 19.07
CA LEU G 57 -46.09 17.40 18.52
C LEU G 57 -45.24 17.88 17.35
N LEU G 58 -45.89 18.29 16.27
CA LEU G 58 -45.22 18.82 15.10
C LEU G 58 -44.72 20.24 15.36
N ALA G 59 -43.53 20.54 14.85
CA ALA G 59 -43.00 21.89 14.91
C ALA G 59 -43.63 22.74 13.80
N PRO G 60 -43.46 24.08 13.84
CA PRO G 60 -44.03 24.94 12.80
C PRO G 60 -43.55 24.61 11.38
N GLY G 61 -44.50 24.55 10.46
CA GLY G 61 -44.21 24.36 9.03
C GLY G 61 -43.72 22.98 8.63
N VAL G 62 -43.95 21.99 9.50
CA VAL G 62 -43.47 20.63 9.27
C VAL G 62 -44.56 19.79 8.61
N SER G 63 -44.15 18.98 7.64
CA SER G 63 -45.05 18.04 6.97
C SER G 63 -45.61 17.02 7.97
N ASP G 64 -46.88 16.67 7.79
CA ASP G 64 -47.54 15.69 8.67
C ASP G 64 -47.10 14.26 8.39
N ARG G 65 -46.32 14.06 7.32
CA ARG G 65 -45.72 12.77 7.01
C ARG G 65 -44.76 12.31 8.12
N PHE G 66 -44.25 13.26 8.88
CA PHE G 66 -43.41 12.96 10.04
C PHE G 66 -44.30 12.73 11.27
N SER G 67 -43.98 11.70 12.04
CA SER G 67 -44.63 11.43 13.32
C SER G 67 -43.62 10.91 14.34
N GLY G 68 -43.81 11.25 15.60
CA GLY G 68 -42.87 10.88 16.65
C GLY G 68 -43.52 10.14 17.80
N SER G 69 -42.71 9.37 18.53
CA SER G 69 -43.19 8.61 19.68
C SER G 69 -42.11 8.47 20.74
N ARG G 70 -42.52 8.12 21.96
CA ARG G 70 -41.60 7.78 23.05
C ARG G 70 -42.20 6.69 23.94
N SER G 71 -41.41 5.67 24.24
CA SER G 71 -41.84 4.58 25.11
C SER G 71 -40.67 3.97 25.89
N GLY G 72 -40.74 4.06 27.21
CA GLY G 72 -39.69 3.57 28.08
C GLY G 72 -38.50 4.50 28.05
N THR G 73 -37.33 3.95 27.75
CA THR G 73 -36.10 4.74 27.65
C THR G 73 -35.69 4.99 26.19
N SER G 74 -36.56 4.62 25.26
CA SER G 74 -36.30 4.85 23.84
C SER G 74 -37.44 5.61 23.16
N ALA G 75 -37.11 6.26 22.04
CA ALA G 75 -38.07 7.03 21.26
C ALA G 75 -37.86 6.77 19.76
N SER G 76 -38.77 7.28 18.94
CA SER G 76 -38.67 7.11 17.48
C SER G 76 -39.29 8.24 16.68
N LEU G 77 -38.80 8.42 15.46
CA LEU G 77 -39.41 9.30 14.47
C LEU G 77 -39.72 8.49 13.20
N THR G 78 -40.97 8.56 12.75
CA THR G 78 -41.41 7.83 11.56
C THR G 78 -41.75 8.78 10.41
N ILE G 79 -41.19 8.49 9.23
CA ILE G 79 -41.48 9.25 8.02
C ILE G 79 -42.32 8.41 7.07
N SER G 80 -43.54 8.89 6.78
CA SER G 80 -44.46 8.21 5.86
C SER G 80 -44.26 8.69 4.44
N GLY G 81 -44.23 7.75 3.49
CA GLY G 81 -44.06 8.06 2.07
C GLY G 81 -42.79 8.82 1.76
N LEU G 82 -41.65 8.19 2.06
CA LEU G 82 -40.32 8.80 1.93
C LEU G 82 -40.11 9.44 0.55
N GLN G 83 -39.61 10.69 0.57
CA GLN G 83 -39.32 11.43 -0.65
C GLN G 83 -37.84 11.77 -0.75
N SER G 84 -37.39 12.14 -1.95
CA SER G 84 -36.01 12.56 -2.18
C SER G 84 -35.66 13.83 -1.41
N GLU G 85 -36.68 14.62 -1.08
CA GLU G 85 -36.50 15.84 -0.29
C GLU G 85 -36.34 15.55 1.21
N ASP G 86 -36.61 14.30 1.60
CA ASP G 86 -36.45 13.86 2.99
C ASP G 86 -35.00 13.46 3.33
N GLU G 87 -34.12 13.50 2.33
CA GLU G 87 -32.70 13.19 2.54
C GLU G 87 -32.06 14.23 3.45
N ALA G 88 -31.74 13.81 4.67
CA ALA G 88 -31.22 14.69 5.70
C ALA G 88 -30.57 13.89 6.82
N ASP G 89 -30.22 14.59 7.89
CA ASP G 89 -29.80 13.95 9.14
C ASP G 89 -30.85 14.23 10.20
N TYR G 90 -31.14 13.22 11.02
CA TYR G 90 -32.21 13.31 12.01
C TYR G 90 -31.67 13.08 13.42
N TYR G 91 -31.85 14.09 14.26
CA TYR G 91 -31.27 14.09 15.60
C TYR G 91 -32.35 14.10 16.67
N ALA G 92 -32.19 13.24 17.68
CA ALA G 92 -33.06 13.23 18.84
C ALA G 92 -32.47 14.16 19.89
N ALA G 93 -33.35 14.91 20.55
CA ALA G 93 -32.92 15.91 21.53
C ALA G 93 -33.81 15.83 22.76
N THR G 94 -33.19 15.80 23.93
CA THR G 94 -33.93 15.73 25.19
C THR G 94 -33.09 16.28 26.33
N TRP G 95 -33.74 16.55 27.45
CA TRP G 95 -33.05 16.98 28.66
C TRP G 95 -32.57 15.76 29.44
N ASP G 96 -31.47 15.92 30.16
CA ASP G 96 -30.95 14.87 31.03
C ASP G 96 -30.87 15.39 32.46
N ASP G 97 -31.64 14.76 33.36
CA ASP G 97 -31.74 15.20 34.75
C ASP G 97 -30.47 14.98 35.57
N SER G 98 -29.63 14.05 35.12
CA SER G 98 -28.38 13.73 35.82
C SER G 98 -27.22 14.62 35.37
N LEU G 99 -27.11 14.84 34.07
CA LEU G 99 -26.06 15.70 33.53
C LEU G 99 -26.39 17.19 33.68
N ASN G 100 -27.68 17.49 33.81
CA ASN G 100 -28.19 18.87 33.90
C ASN G 100 -27.92 19.67 32.62
N GLY G 101 -28.68 19.36 31.58
CA GLY G 101 -28.52 19.98 30.27
C GLY G 101 -29.05 19.13 29.13
N TRP G 102 -29.02 19.69 27.93
CA TRP G 102 -29.50 19.00 26.73
C TRP G 102 -28.55 17.89 26.29
N VAL G 103 -29.12 16.78 25.86
CA VAL G 103 -28.35 15.68 25.25
C VAL G 103 -28.87 15.36 23.84
N PHE G 104 -28.01 14.82 22.99
CA PHE G 104 -28.35 14.60 21.59
C PHE G 104 -27.87 13.26 21.07
N GLY G 105 -28.61 12.70 20.13
CA GLY G 105 -28.18 11.50 19.42
C GLY G 105 -27.17 11.86 18.36
N GLY G 106 -26.37 10.88 17.95
CA GLY G 106 -25.33 11.10 16.94
C GLY G 106 -25.85 11.32 15.54
N GLY G 107 -27.17 11.22 15.37
CA GLY G 107 -27.83 11.47 14.09
C GLY G 107 -28.00 10.25 13.22
N THR G 108 -28.99 10.33 12.33
CA THR G 108 -29.25 9.28 11.35
C THR G 108 -29.39 9.89 9.97
N LYS G 109 -28.52 9.47 9.06
CA LYS G 109 -28.56 9.91 7.68
C LYS G 109 -29.49 9.01 6.86
N VAL G 110 -30.54 9.60 6.32
CA VAL G 110 -31.46 8.87 5.46
C VAL G 110 -31.14 9.15 3.98
N THR G 111 -30.74 8.10 3.28
CA THR G 111 -30.55 8.15 1.84
C THR G 111 -31.72 7.41 1.18
N VAL G 112 -32.27 7.99 0.11
CA VAL G 112 -33.39 7.38 -0.61
C VAL G 112 -32.88 6.58 -1.81
N LEU G 113 -33.18 5.28 -1.81
CA LEU G 113 -32.78 4.38 -2.89
C LEU G 113 -33.67 4.56 -4.12
N GLU H 1 -45.34 27.21 26.05
CA GLU H 1 -44.08 27.24 26.85
C GLU H 1 -43.20 26.02 26.58
N LYS H 2 -43.79 24.96 26.03
CA LYS H 2 -43.06 23.75 25.65
C LYS H 2 -42.36 23.91 24.30
N LEU H 3 -43.00 24.65 23.39
CA LEU H 3 -42.42 24.95 22.08
C LEU H 3 -41.19 25.84 22.24
N MET H 4 -41.28 26.81 23.14
CA MET H 4 -40.21 27.75 23.42
C MET H 4 -38.96 27.06 23.95
N LYS H 5 -39.16 26.10 24.86
CA LYS H 5 -38.07 25.29 25.41
C LYS H 5 -37.51 24.31 24.37
N ALA H 6 -38.34 23.89 23.43
CA ALA H 6 -37.91 22.99 22.36
C ALA H 6 -36.98 23.71 21.37
N PHE H 7 -37.13 25.03 21.26
CA PHE H 7 -36.23 25.84 20.46
C PHE H 7 -34.93 26.16 21.21
N GLU H 8 -34.98 26.11 22.53
CA GLU H 8 -33.78 26.24 23.36
C GLU H 8 -32.82 25.08 23.10
N SER H 9 -33.38 23.89 22.91
CA SER H 9 -32.61 22.70 22.57
C SER H 9 -31.97 22.82 21.18
N LEU H 10 -32.72 23.40 20.24
CA LEU H 10 -32.23 23.65 18.89
C LEU H 10 -31.05 24.61 18.89
N LYS H 11 -31.14 25.66 19.70
CA LYS H 11 -30.08 26.66 19.81
C LYS H 11 -28.87 26.11 20.58
N SER H 12 -29.13 25.15 21.46
CA SER H 12 -28.08 24.43 22.16
C SER H 12 -27.39 23.42 21.25
N PHE H 13 -28.17 22.88 20.30
CA PHE H 13 -27.66 21.92 19.32
C PHE H 13 -26.72 22.59 18.32
N GLN H 14 -27.05 23.81 17.92
CA GLN H 14 -26.22 24.58 16.99
C GLN H 14 -25.21 25.48 17.72
N PRO I 5 17.51 8.23 -21.63
CA PRO I 5 18.73 9.00 -21.87
C PRO I 5 19.54 8.40 -23.01
N VAL I 6 20.16 9.25 -23.82
CA VAL I 6 20.95 8.77 -24.95
C VAL I 6 22.41 8.51 -24.54
N LEU I 7 22.76 8.97 -23.34
CA LEU I 7 24.03 8.62 -22.72
C LEU I 7 23.77 7.57 -21.65
N THR I 8 24.40 6.41 -21.80
CA THR I 8 24.20 5.29 -20.86
C THR I 8 25.24 5.26 -19.74
N GLN I 9 24.78 5.42 -18.51
CA GLN I 9 25.63 5.32 -17.33
C GLN I 9 25.21 4.14 -16.48
N SER I 10 26.18 3.57 -15.76
CA SER I 10 25.92 2.55 -14.76
C SER I 10 25.02 3.15 -13.68
N PRO I 11 23.95 2.42 -13.29
CA PRO I 11 23.01 2.89 -12.25
C PRO I 11 23.70 3.30 -10.95
N SER I 12 24.45 2.39 -10.35
CA SER I 12 25.16 2.68 -9.10
C SER I 12 26.44 1.86 -8.94
N VAL I 13 27.50 2.53 -8.51
CA VAL I 13 28.79 1.90 -8.26
C VAL I 13 29.18 2.02 -6.78
N SER I 14 30.01 1.09 -6.31
CA SER I 14 30.48 1.09 -4.93
C SER I 14 31.95 0.74 -4.82
N ALA I 15 32.60 1.26 -3.79
CA ALA I 15 33.97 0.88 -3.45
C ALA I 15 34.22 1.01 -1.95
N ALA I 16 35.22 0.27 -1.48
CA ALA I 16 35.68 0.39 -0.11
C ALA I 16 36.19 1.81 0.14
N PRO I 17 36.36 2.20 1.43
CA PRO I 17 36.87 3.54 1.67
C PRO I 17 38.24 3.76 1.04
N ARG I 18 38.49 4.97 0.55
CA ARG I 18 39.81 5.39 0.07
C ARG I 18 40.33 4.65 -1.16
N GLN I 19 39.46 3.86 -1.81
CA GLN I 19 39.84 3.15 -3.02
C GLN I 19 39.24 3.85 -4.24
N ARG I 20 39.54 3.33 -5.43
CA ARG I 20 39.10 3.96 -6.67
C ARG I 20 37.69 3.54 -7.07
N VAL I 21 36.87 4.53 -7.42
CA VAL I 21 35.62 4.29 -8.13
C VAL I 21 35.69 5.00 -9.48
N THR I 22 35.28 4.28 -10.52
CA THR I 22 35.27 4.80 -11.88
C THR I 22 33.83 4.87 -12.35
N ILE I 23 33.43 6.05 -12.85
CA ILE I 23 32.10 6.25 -13.39
C ILE I 23 32.21 6.44 -14.90
N SER I 24 31.62 5.50 -15.64
CA SER I 24 31.73 5.46 -17.09
C SER I 24 30.43 5.88 -17.78
N VAL I 25 30.53 6.13 -19.09
CA VAL I 25 29.37 6.53 -19.90
C VAL I 25 29.65 6.24 -21.38
N SER I 26 28.68 5.64 -22.06
CA SER I 26 28.80 5.40 -23.49
C SER I 26 27.83 6.27 -24.28
N GLY I 27 28.29 6.79 -25.41
CA GLY I 27 27.46 7.61 -26.30
C GLY I 27 27.57 7.19 -27.74
N SER I 28 27.45 8.17 -28.64
CA SER I 28 27.57 7.94 -30.08
C SER I 28 28.37 9.07 -30.75
N ASN I 29 28.68 8.90 -32.04
CA ASN I 29 29.40 9.92 -32.80
C ASN I 29 28.78 11.31 -32.72
N SER I 30 27.44 11.36 -32.72
CA SER I 30 26.69 12.62 -32.66
C SER I 30 26.89 13.39 -31.36
N ASN I 31 27.26 12.70 -30.28
CA ASN I 31 27.54 13.36 -29.01
C ASN I 31 29.01 13.23 -28.54
N ILE I 32 29.30 12.22 -27.72
CA ILE I 32 30.64 12.05 -27.12
C ILE I 32 31.75 11.87 -28.16
N GLY I 33 31.40 11.27 -29.29
CA GLY I 33 32.35 11.09 -30.39
C GLY I 33 32.80 12.40 -31.06
N SER I 34 32.06 13.48 -30.84
CA SER I 34 32.33 14.77 -31.46
C SER I 34 32.38 15.93 -30.47
N ASN I 35 32.12 15.64 -29.20
CA ASN I 35 32.08 16.69 -28.18
C ASN I 35 32.70 16.30 -26.85
N THR I 36 33.35 17.27 -26.21
CA THR I 36 33.98 17.09 -24.90
C THR I 36 32.91 16.88 -23.82
N VAL I 37 33.31 16.22 -22.74
CA VAL I 37 32.38 15.78 -21.70
C VAL I 37 32.53 16.56 -20.40
N ASN I 38 31.37 16.96 -19.85
CA ASN I 38 31.30 17.59 -18.54
C ASN I 38 30.74 16.62 -17.51
N TRP I 39 31.21 16.73 -16.27
CA TRP I 39 30.70 15.91 -15.17
C TRP I 39 30.07 16.78 -14.08
N ILE I 40 28.90 16.36 -13.61
CA ILE I 40 28.11 17.10 -12.65
C ILE I 40 27.80 16.24 -11.44
N GLN I 41 28.22 16.73 -10.27
CA GLN I 41 28.03 16.03 -8.99
C GLN I 41 26.82 16.59 -8.24
N GLN I 42 25.99 15.69 -7.71
CA GLN I 42 24.88 16.11 -6.84
C GLN I 42 24.84 15.35 -5.52
N LEU I 43 25.15 16.06 -4.43
CA LEU I 43 25.11 15.50 -3.09
C LEU I 43 23.66 15.37 -2.60
N PRO I 44 23.38 14.33 -1.79
CA PRO I 44 22.03 14.14 -1.23
C PRO I 44 21.49 15.42 -0.60
N GLY I 45 20.31 15.84 -1.04
CA GLY I 45 19.64 17.01 -0.48
C GLY I 45 20.08 18.35 -1.05
N ARG I 46 21.14 18.34 -1.83
CA ARG I 46 21.72 19.58 -2.33
C ARG I 46 21.51 19.76 -3.84
N ALA I 47 21.78 20.98 -4.31
CA ALA I 47 21.76 21.29 -5.74
C ALA I 47 23.00 20.72 -6.40
N PRO I 48 22.90 20.31 -7.67
CA PRO I 48 24.05 19.76 -8.39
C PRO I 48 25.10 20.82 -8.72
N GLU I 49 26.37 20.42 -8.71
CA GLU I 49 27.48 21.32 -8.99
C GLU I 49 28.35 20.79 -10.12
N LEU I 50 28.94 21.71 -10.88
CA LEU I 50 29.87 21.34 -11.95
C LEU I 50 31.15 20.82 -11.31
N LEU I 51 31.51 19.60 -11.70
CA LEU I 51 32.67 18.93 -11.13
C LEU I 51 33.83 19.00 -12.09
N MET I 52 33.58 18.62 -13.34
CA MET I 52 34.60 18.61 -14.38
C MET I 52 34.03 19.11 -15.70
N TYR I 53 34.90 19.62 -16.56
CA TYR I 53 34.52 20.06 -17.89
C TYR I 53 35.65 19.84 -18.89
N ASP I 54 35.31 19.84 -20.17
CA ASP I 54 36.29 19.74 -21.26
C ASP I 54 37.07 18.42 -21.17
N ASP I 55 36.37 17.35 -20.79
CA ASP I 55 36.94 16.01 -20.58
C ASP I 55 37.73 15.89 -19.29
N ASP I 56 38.81 16.66 -19.17
CA ASP I 56 39.81 16.46 -18.11
C ASP I 56 40.12 17.67 -17.23
N LEU I 57 39.43 18.79 -17.44
CA LEU I 57 39.70 20.00 -16.67
C LEU I 57 38.77 20.13 -15.47
N LEU I 58 39.37 20.33 -14.31
CA LEU I 58 38.62 20.54 -13.08
C LEU I 58 37.93 21.89 -13.08
N ALA I 59 36.66 21.90 -12.65
CA ALA I 59 35.91 23.13 -12.44
C ALA I 59 36.45 23.88 -11.21
N PRO I 60 36.10 25.18 -11.05
CA PRO I 60 36.66 25.98 -9.96
C PRO I 60 36.31 25.47 -8.56
N GLY I 61 37.32 25.36 -7.70
CA GLY I 61 37.14 24.97 -6.30
C GLY I 61 36.93 23.48 -6.07
N VAL I 62 36.86 22.72 -7.15
CA VAL I 62 36.59 21.28 -7.09
C VAL I 62 37.84 20.52 -6.64
N SER I 63 37.63 19.49 -5.83
CA SER I 63 38.69 18.64 -5.28
C SER I 63 39.56 18.01 -6.36
N ASP I 64 40.86 17.96 -6.09
CA ASP I 64 41.87 17.41 -6.99
C ASP I 64 41.75 15.90 -7.21
N ARG I 65 41.05 15.23 -6.30
CA ARG I 65 40.91 13.76 -6.32
C ARG I 65 40.10 13.21 -7.51
N PHE I 66 39.54 14.11 -8.31
CA PHE I 66 38.81 13.72 -9.50
C PHE I 66 39.67 13.91 -10.75
N SER I 67 39.59 12.94 -11.66
CA SER I 67 40.18 13.08 -12.99
C SER I 67 39.21 12.55 -14.03
N GLY I 68 39.24 13.15 -15.22
CA GLY I 68 38.32 12.78 -16.29
C GLY I 68 39.01 12.44 -17.59
N SER I 69 38.33 11.65 -18.43
CA SER I 69 38.88 11.25 -19.72
C SER I 69 37.79 11.01 -20.75
N ARG I 70 38.18 10.98 -22.02
CA ARG I 70 37.29 10.68 -23.13
C ARG I 70 38.03 9.86 -24.19
N SER I 71 37.54 8.64 -24.42
CA SER I 71 38.10 7.75 -25.45
C SER I 71 37.01 7.26 -26.40
N GLY I 72 37.03 7.80 -27.63
CA GLY I 72 36.02 7.47 -28.64
C GLY I 72 34.66 7.99 -28.25
N THR I 73 33.65 7.12 -28.35
CA THR I 73 32.28 7.48 -27.99
C THR I 73 31.95 7.28 -26.51
N SER I 74 32.93 6.80 -25.74
CA SER I 74 32.75 6.64 -24.30
C SER I 74 33.69 7.54 -23.50
N ALA I 75 33.29 7.84 -22.27
CA ALA I 75 34.06 8.72 -21.37
C ALA I 75 33.95 8.25 -19.94
N SER I 76 34.87 8.69 -19.08
CA SER I 76 34.89 8.25 -17.68
C SER I 76 35.40 9.29 -16.68
N LEU I 77 34.83 9.26 -15.48
CA LEU I 77 35.26 10.08 -14.36
C LEU I 77 35.83 9.18 -13.27
N THR I 78 37.07 9.45 -12.86
CA THR I 78 37.77 8.62 -11.89
C THR I 78 37.91 9.31 -10.54
N ILE I 79 37.35 8.68 -9.51
CA ILE I 79 37.40 9.22 -8.17
C ILE I 79 38.47 8.47 -7.37
N SER I 80 39.54 9.18 -7.04
CA SER I 80 40.60 8.63 -6.20
C SER I 80 40.30 8.84 -4.73
N GLY I 81 40.63 7.83 -3.92
CA GLY I 81 40.50 7.92 -2.46
C GLY I 81 39.10 8.29 -2.00
N LEU I 82 38.18 7.34 -2.11
CA LEU I 82 36.77 7.55 -1.79
C LEU I 82 36.54 7.96 -0.34
N GLN I 83 35.77 9.03 -0.16
CA GLN I 83 35.41 9.53 1.16
C GLN I 83 33.90 9.60 1.29
N SER I 84 33.41 9.84 2.51
CA SER I 84 31.98 10.06 2.76
C SER I 84 31.44 11.29 2.03
N GLU I 85 32.32 12.26 1.79
CA GLU I 85 31.98 13.48 1.05
C GLU I 85 31.63 13.17 -0.40
N ASP I 86 32.17 12.06 -0.90
CA ASP I 86 32.03 11.67 -2.31
C ASP I 86 30.73 10.93 -2.62
N GLU I 87 30.05 10.44 -1.58
CA GLU I 87 28.77 9.76 -1.74
C GLU I 87 27.72 10.68 -2.33
N ALA I 88 27.43 10.49 -3.61
CA ALA I 88 26.55 11.36 -4.39
C ALA I 88 26.14 10.70 -5.70
N ASP I 89 25.40 11.44 -6.53
CA ASP I 89 25.06 11.00 -7.87
C ASP I 89 25.85 11.81 -8.90
N TYR I 90 26.39 11.13 -9.90
CA TYR I 90 27.24 11.77 -10.91
C TYR I 90 26.67 11.63 -12.33
N TYR I 91 26.60 12.76 -13.03
CA TYR I 91 25.98 12.82 -14.34
C TYR I 91 26.95 13.27 -15.41
N ALA I 92 26.99 12.53 -16.51
CA ALA I 92 27.75 12.93 -17.68
C ALA I 92 26.89 13.90 -18.49
N ALA I 93 27.50 14.95 -19.00
CA ALA I 93 26.80 15.93 -19.82
C ALA I 93 27.66 16.31 -21.02
N THR I 94 27.04 16.35 -22.19
CA THR I 94 27.72 16.73 -23.43
C THR I 94 26.72 17.25 -24.45
N TRP I 95 27.23 17.84 -25.54
CA TRP I 95 26.38 18.30 -26.62
C TRP I 95 26.14 17.18 -27.61
N ASP I 96 24.89 17.06 -28.08
CA ASP I 96 24.55 16.11 -29.13
C ASP I 96 24.23 16.88 -30.40
N ASP I 97 25.05 16.66 -31.43
CA ASP I 97 24.95 17.39 -32.69
C ASP I 97 23.71 17.04 -33.53
N SER I 98 23.25 15.80 -33.41
CA SER I 98 22.05 15.35 -34.12
C SER I 98 20.76 15.88 -33.50
N LEU I 99 20.84 16.32 -32.24
CA LEU I 99 19.70 16.88 -31.54
C LEU I 99 19.78 18.39 -31.42
N ASN I 100 20.99 18.94 -31.55
CA ASN I 100 21.26 20.36 -31.27
C ASN I 100 20.80 20.73 -29.86
N GLY I 101 21.46 20.13 -28.88
CA GLY I 101 21.10 20.34 -27.48
C GLY I 101 21.92 19.48 -26.54
N TRP I 102 21.88 19.82 -25.26
CA TRP I 102 22.57 19.06 -24.22
C TRP I 102 21.92 17.70 -23.99
N VAL I 103 22.75 16.68 -23.84
CA VAL I 103 22.28 15.35 -23.44
C VAL I 103 22.99 14.90 -22.17
N PHE I 104 22.27 14.13 -21.35
CA PHE I 104 22.77 13.74 -20.04
C PHE I 104 22.64 12.24 -19.85
N GLY I 105 23.47 11.70 -18.97
CA GLY I 105 23.33 10.31 -18.54
C GLY I 105 22.22 10.19 -17.51
N GLY I 106 21.77 8.96 -17.29
CA GLY I 106 20.78 8.67 -16.25
C GLY I 106 21.32 8.91 -14.84
N GLY I 107 22.64 8.89 -14.69
CA GLY I 107 23.29 9.12 -13.40
C GLY I 107 23.91 7.88 -12.80
N THR I 108 24.83 8.10 -11.87
CA THR I 108 25.48 7.01 -11.16
C THR I 108 25.60 7.36 -9.69
N LYS I 109 24.96 6.56 -8.84
CA LYS I 109 25.03 6.74 -7.40
C LYS I 109 26.28 6.07 -6.83
N VAL I 110 26.96 6.77 -5.93
CA VAL I 110 28.17 6.27 -5.30
C VAL I 110 27.97 6.09 -3.80
N THR I 111 28.21 4.88 -3.31
CA THR I 111 28.21 4.61 -1.87
C THR I 111 29.52 3.99 -1.42
N VAL I 112 29.87 4.24 -0.16
CA VAL I 112 31.05 3.62 0.46
C VAL I 112 30.61 2.31 1.10
N LEU I 113 31.41 1.25 0.90
CA LEU I 113 31.18 -0.04 1.55
C LEU I 113 31.81 -0.03 2.93
N SER I 114 31.00 -0.28 3.96
CA SER I 114 31.47 -0.27 5.35
C SER I 114 32.15 -1.58 5.74
N GLU J 1 36.05 30.32 -22.07
CA GLU J 1 35.12 30.14 -23.22
C GLU J 1 34.31 28.84 -23.13
N LYS J 2 34.97 27.75 -22.73
CA LYS J 2 34.34 26.45 -22.59
C LYS J 2 33.79 26.24 -21.18
N LEU J 3 34.32 26.99 -20.21
CA LEU J 3 33.80 26.96 -18.85
C LEU J 3 32.39 27.57 -18.80
N MET J 4 32.21 28.68 -19.50
CA MET J 4 30.90 29.33 -19.60
C MET J 4 29.87 28.42 -20.25
N LYS J 5 30.29 27.66 -21.26
CA LYS J 5 29.41 26.70 -21.93
C LYS J 5 29.21 25.45 -21.06
N ALA J 6 30.21 25.13 -20.25
CA ALA J 6 30.10 24.03 -19.29
C ALA J 6 29.07 24.35 -18.21
N PHE J 7 29.08 25.58 -17.69
CA PHE J 7 28.07 26.03 -16.74
C PHE J 7 26.68 26.01 -17.35
N GLU J 8 26.59 26.38 -18.63
CA GLU J 8 25.33 26.34 -19.38
C GLU J 8 24.73 24.93 -19.40
N SER J 9 25.59 23.92 -19.42
CA SER J 9 25.14 22.52 -19.41
C SER J 9 24.55 22.12 -18.06
N LEU J 10 25.14 22.63 -16.97
CA LEU J 10 24.59 22.46 -15.63
C LEU J 10 23.23 23.15 -15.53
N LYS J 11 23.21 24.42 -15.96
CA LYS J 11 21.99 25.23 -16.06
C LYS J 11 20.85 24.43 -16.69
N SER J 12 21.13 23.85 -17.86
CA SER J 12 20.13 23.08 -18.60
C SER J 12 19.74 21.79 -17.88
N PHE J 13 20.72 21.17 -17.21
CA PHE J 13 20.48 19.93 -16.46
C PHE J 13 19.56 20.15 -15.28
N GLN J 14 19.92 21.08 -14.38
CA GLN J 14 19.13 21.35 -13.19
C GLN J 14 17.89 22.19 -13.49
N PRO K 5 27.75 -12.53 5.67
CA PRO K 5 29.10 -12.65 5.11
C PRO K 5 30.08 -11.69 5.78
N VAL K 6 31.28 -12.18 6.05
CA VAL K 6 32.31 -11.38 6.72
C VAL K 6 32.85 -10.27 5.82
N LEU K 7 33.11 -10.60 4.55
CA LEU K 7 33.52 -9.60 3.56
C LEU K 7 32.30 -8.87 3.00
N THR K 8 32.47 -7.59 2.69
CA THR K 8 31.37 -6.73 2.26
C THR K 8 31.44 -6.37 0.77
N GLN K 9 30.39 -6.74 0.03
CA GLN K 9 30.25 -6.34 -1.36
C GLN K 9 28.92 -5.63 -1.58
N SER K 10 28.83 -4.87 -2.66
CA SER K 10 27.56 -4.27 -3.08
C SER K 10 26.78 -5.26 -3.95
N PRO K 11 25.44 -5.21 -3.90
CA PRO K 11 24.60 -6.25 -4.50
C PRO K 11 24.74 -6.44 -6.02
N SER K 12 24.72 -5.34 -6.77
CA SER K 12 24.69 -5.44 -8.23
C SER K 12 25.33 -4.26 -8.96
N VAL K 13 25.80 -4.52 -10.18
CA VAL K 13 26.28 -3.48 -11.08
C VAL K 13 25.81 -3.76 -12.51
N SER K 14 25.31 -2.72 -13.18
CA SER K 14 24.86 -2.83 -14.57
C SER K 14 25.62 -1.85 -15.46
N ALA K 15 26.02 -2.31 -16.64
CA ALA K 15 26.76 -1.46 -17.60
C ALA K 15 26.51 -1.83 -19.05
N ALA K 16 26.72 -0.87 -19.93
CA ALA K 16 26.58 -1.06 -21.38
C ALA K 16 27.63 -2.05 -21.91
N PRO K 17 27.34 -2.72 -23.05
CA PRO K 17 28.30 -3.65 -23.64
C PRO K 17 29.65 -2.99 -23.91
N ARG K 18 30.73 -3.74 -23.66
CA ARG K 18 32.11 -3.34 -23.98
C ARG K 18 32.68 -2.27 -23.05
N GLN K 19 32.01 -2.03 -21.92
CA GLN K 19 32.50 -1.08 -20.92
C GLN K 19 33.31 -1.80 -19.84
N ARG K 20 33.91 -1.02 -18.94
CA ARG K 20 34.71 -1.55 -17.85
C ARG K 20 33.98 -1.46 -16.52
N VAL K 21 33.67 -2.61 -15.93
CA VAL K 21 33.09 -2.63 -14.59
C VAL K 21 34.12 -3.07 -13.55
N THR K 22 34.04 -2.48 -12.37
CA THR K 22 34.95 -2.81 -11.27
C THR K 22 34.16 -3.24 -10.04
N ILE K 23 34.25 -4.53 -9.72
CA ILE K 23 33.63 -5.11 -8.52
C ILE K 23 34.58 -5.00 -7.34
N SER K 24 34.15 -4.30 -6.29
CA SER K 24 34.97 -4.04 -5.13
C SER K 24 34.49 -4.79 -3.88
N VAL K 25 35.41 -4.98 -2.93
CA VAL K 25 35.09 -5.64 -1.65
C VAL K 25 35.93 -5.04 -0.51
N SER K 26 35.29 -4.81 0.64
CA SER K 26 36.00 -4.37 1.83
C SER K 26 35.95 -5.42 2.94
N GLY K 27 37.07 -5.60 3.62
CA GLY K 27 37.18 -6.47 4.78
C GLY K 27 37.86 -5.78 5.95
N SER K 28 38.63 -6.54 6.72
CA SER K 28 39.38 -6.02 7.85
C SER K 28 40.81 -6.58 7.86
N ASN K 29 41.62 -6.13 8.82
CA ASN K 29 43.03 -6.51 8.90
C ASN K 29 43.30 -8.01 9.04
N SER K 30 42.41 -8.70 9.76
CA SER K 30 42.57 -10.12 10.03
C SER K 30 42.38 -11.03 8.80
N ASN K 31 41.60 -10.56 7.83
CA ASN K 31 41.42 -11.31 6.58
C ASN K 31 42.14 -10.71 5.37
N ILE K 32 41.55 -9.70 4.74
CA ILE K 32 42.13 -9.07 3.54
C ILE K 32 43.41 -8.31 3.85
N GLY K 33 43.46 -7.68 5.02
CA GLY K 33 44.63 -6.91 5.44
C GLY K 33 45.93 -7.72 5.49
N SER K 34 45.80 -9.02 5.70
CA SER K 34 46.97 -9.88 5.90
C SER K 34 46.92 -11.21 5.14
N ASN K 35 45.97 -11.33 4.22
CA ASN K 35 45.88 -12.50 3.33
C ASN K 35 45.53 -12.07 1.90
N THR K 36 45.80 -12.95 0.93
CA THR K 36 45.50 -12.66 -0.47
C THR K 36 44.05 -13.00 -0.84
N VAL K 37 43.54 -12.32 -1.86
CA VAL K 37 42.14 -12.42 -2.25
C VAL K 37 41.93 -13.28 -3.50
N ASN K 38 40.95 -14.17 -3.43
CA ASN K 38 40.51 -14.94 -4.59
C ASN K 38 39.15 -14.42 -5.05
N TRP K 39 38.91 -14.49 -6.34
CA TRP K 39 37.60 -14.15 -6.88
C TRP K 39 36.96 -15.38 -7.49
N ILE K 40 35.65 -15.54 -7.26
CA ILE K 40 34.89 -16.70 -7.70
C ILE K 40 33.69 -16.29 -8.57
N GLN K 41 33.59 -16.87 -9.75
CA GLN K 41 32.50 -16.60 -10.68
C GLN K 41 31.45 -17.71 -10.61
N GLN K 42 30.19 -17.29 -10.51
CA GLN K 42 29.06 -18.22 -10.64
C GLN K 42 28.11 -17.73 -11.73
N LEU K 43 28.17 -18.39 -12.89
CA LEU K 43 27.27 -18.14 -14.00
C LEU K 43 25.84 -18.57 -13.61
N PRO K 44 24.81 -17.90 -14.16
CA PRO K 44 23.43 -18.22 -13.79
C PRO K 44 23.08 -19.69 -14.00
N GLY K 45 22.78 -20.39 -12.90
CA GLY K 45 22.38 -21.78 -12.95
C GLY K 45 23.51 -22.79 -12.84
N ARG K 46 24.74 -22.29 -12.88
CA ARG K 46 25.92 -23.17 -12.87
C ARG K 46 26.60 -23.23 -11.51
N ALA K 47 27.49 -24.21 -11.35
CA ALA K 47 28.37 -24.29 -10.19
C ALA K 47 29.37 -23.13 -10.21
N PRO K 48 29.84 -22.70 -9.03
CA PRO K 48 30.84 -21.63 -9.00
C PRO K 48 32.21 -22.12 -9.48
N GLU K 49 32.95 -21.22 -10.13
CA GLU K 49 34.27 -21.52 -10.65
C GLU K 49 35.29 -20.51 -10.15
N LEU K 50 36.53 -20.97 -9.95
CA LEU K 50 37.61 -20.07 -9.56
C LEU K 50 38.01 -19.19 -10.73
N LEU K 51 37.88 -17.88 -10.53
CA LEU K 51 38.19 -16.91 -11.58
C LEU K 51 39.63 -16.39 -11.43
N MET K 52 39.94 -15.91 -10.23
CA MET K 52 41.25 -15.35 -9.92
C MET K 52 41.73 -15.80 -8.54
N TYR K 53 43.02 -15.65 -8.31
CA TYR K 53 43.65 -16.01 -7.04
C TYR K 53 44.91 -15.17 -6.85
N ASP K 54 45.47 -15.19 -5.63
CA ASP K 54 46.68 -14.45 -5.31
C ASP K 54 46.56 -12.98 -5.73
N ASP K 55 45.37 -12.41 -5.48
CA ASP K 55 45.05 -11.01 -5.79
C ASP K 55 44.82 -10.69 -7.27
N ASP K 56 45.81 -10.99 -8.10
CA ASP K 56 45.79 -10.56 -9.51
C ASP K 56 46.32 -11.61 -10.50
N LEU K 57 46.19 -12.88 -10.11
CA LEU K 57 46.56 -13.99 -10.99
C LEU K 57 45.31 -14.69 -11.53
N LEU K 58 45.29 -14.88 -12.85
CA LEU K 58 44.17 -15.55 -13.49
C LEU K 58 44.24 -17.06 -13.27
N ALA K 59 43.09 -17.64 -12.93
CA ALA K 59 42.96 -19.08 -12.91
C ALA K 59 43.12 -19.59 -14.34
N PRO K 60 43.86 -20.71 -14.52
CA PRO K 60 44.07 -21.22 -15.88
C PRO K 60 42.77 -21.30 -16.68
N GLY K 61 42.80 -20.77 -17.91
CA GLY K 61 41.64 -20.80 -18.80
C GLY K 61 40.76 -19.56 -18.79
N VAL K 62 40.95 -18.72 -17.78
CA VAL K 62 40.11 -17.52 -17.63
C VAL K 62 40.55 -16.40 -18.58
N SER K 63 39.57 -15.73 -19.17
CA SER K 63 39.78 -14.61 -20.08
C SER K 63 40.65 -13.52 -19.46
N ASP K 64 41.57 -12.97 -20.25
CA ASP K 64 42.47 -11.92 -19.76
C ASP K 64 41.81 -10.54 -19.67
N ARG K 65 40.50 -10.51 -19.90
CA ARG K 65 39.68 -9.32 -19.69
C ARG K 65 39.42 -9.11 -18.20
N PHE K 66 39.73 -10.12 -17.40
CA PHE K 66 39.61 -10.04 -15.95
C PHE K 66 40.95 -9.65 -15.31
N SER K 67 40.88 -8.76 -14.32
CA SER K 67 42.07 -8.36 -13.55
C SER K 67 41.68 -8.04 -12.11
N GLY K 68 42.65 -8.20 -11.20
CA GLY K 68 42.39 -8.00 -9.78
C GLY K 68 43.39 -7.07 -9.10
N SER K 69 43.06 -6.70 -7.87
CA SER K 69 43.89 -5.81 -7.05
C SER K 69 43.59 -6.00 -5.57
N ARG K 70 44.51 -5.55 -4.72
CA ARG K 70 44.32 -5.56 -3.27
C ARG K 70 45.23 -4.50 -2.63
N SER K 71 44.63 -3.64 -1.83
CA SER K 71 45.39 -2.70 -1.01
C SER K 71 44.67 -2.47 0.32
N GLY K 72 45.42 -2.61 1.41
CA GLY K 72 44.88 -2.46 2.74
C GLY K 72 43.83 -3.50 3.04
N THR K 73 42.68 -3.06 3.52
CA THR K 73 41.60 -3.97 3.90
C THR K 73 40.55 -4.13 2.79
N SER K 74 40.94 -3.80 1.55
CA SER K 74 40.04 -3.89 0.42
C SER K 74 40.66 -4.55 -0.82
N ALA K 75 39.80 -4.94 -1.76
CA ALA K 75 40.22 -5.58 -3.00
C ALA K 75 39.22 -5.28 -4.11
N SER K 76 39.62 -5.52 -5.36
CA SER K 76 38.78 -5.22 -6.51
C SER K 76 38.95 -6.22 -7.66
N LEU K 77 37.88 -6.42 -8.40
CA LEU K 77 37.89 -7.24 -9.61
C LEU K 77 37.41 -6.38 -10.78
N THR K 78 38.18 -6.33 -11.86
CA THR K 78 37.85 -5.50 -13.01
C THR K 78 37.57 -6.34 -14.26
N ILE K 79 36.40 -6.09 -14.86
CA ILE K 79 36.01 -6.74 -16.12
C ILE K 79 36.04 -5.72 -17.26
N SER K 80 36.98 -5.90 -18.19
CA SER K 80 37.08 -5.02 -19.35
C SER K 80 36.34 -5.60 -20.56
N GLY K 81 35.85 -4.71 -21.43
CA GLY K 81 35.07 -5.10 -22.60
C GLY K 81 33.89 -6.00 -22.25
N LEU K 82 33.03 -5.52 -21.36
CA LEU K 82 31.92 -6.30 -20.81
C LEU K 82 31.10 -7.00 -21.90
N GLN K 83 30.87 -8.30 -21.68
CA GLN K 83 30.14 -9.13 -22.64
C GLN K 83 28.96 -9.83 -22.00
N SER K 84 28.10 -10.43 -22.82
CA SER K 84 26.95 -11.21 -22.36
C SER K 84 27.37 -12.40 -21.51
N GLU K 85 28.52 -12.99 -21.85
CA GLU K 85 29.08 -14.14 -21.12
C GLU K 85 29.55 -13.78 -19.71
N ASP K 86 29.81 -12.49 -19.47
CA ASP K 86 30.28 -12.03 -18.16
C ASP K 86 29.14 -11.88 -17.16
N GLU K 87 27.91 -11.98 -17.66
CA GLU K 87 26.70 -11.86 -16.84
C GLU K 87 26.69 -12.97 -15.79
N ALA K 88 27.18 -12.65 -14.60
CA ALA K 88 27.31 -13.63 -13.52
C ALA K 88 27.39 -12.95 -12.14
N ASP K 89 27.63 -13.77 -11.12
CA ASP K 89 27.83 -13.28 -9.76
C ASP K 89 29.26 -13.51 -9.32
N TYR K 90 29.88 -12.46 -8.82
CA TYR K 90 31.30 -12.51 -8.47
C TYR K 90 31.49 -12.40 -6.96
N TYR K 91 32.25 -13.35 -6.43
CA TYR K 91 32.45 -13.48 -4.99
C TYR K 91 33.91 -13.32 -4.62
N ALA K 92 34.18 -12.45 -3.64
CA ALA K 92 35.51 -12.33 -3.07
C ALA K 92 35.67 -13.37 -1.97
N ALA K 93 36.88 -13.90 -1.85
CA ALA K 93 37.17 -14.95 -0.88
C ALA K 93 38.57 -14.80 -0.33
N THR K 94 38.72 -15.06 0.97
CA THR K 94 40.03 -15.00 1.63
C THR K 94 40.03 -15.73 2.98
N TRP K 95 41.23 -16.11 3.43
CA TRP K 95 41.41 -16.71 4.75
C TRP K 95 41.38 -15.63 5.82
N ASP K 96 40.73 -15.93 6.93
CA ASP K 96 40.65 -15.02 8.07
C ASP K 96 41.48 -15.56 9.22
N ASP K 97 42.49 -14.79 9.64
CA ASP K 97 43.41 -15.20 10.69
C ASP K 97 42.78 -15.31 12.08
N SER K 98 41.72 -14.54 12.32
CA SER K 98 41.06 -14.52 13.63
C SER K 98 39.95 -15.57 13.74
N LEU K 99 39.39 -15.97 12.61
CA LEU K 99 38.36 -17.01 12.58
C LEU K 99 38.95 -18.38 12.23
N ASN K 100 40.19 -18.38 11.74
CA ASN K 100 40.91 -19.60 11.34
C ASN K 100 40.15 -20.41 10.28
N GLY K 101 39.75 -19.72 9.21
CA GLY K 101 39.01 -20.34 8.10
C GLY K 101 38.77 -19.40 6.95
N TRP K 102 38.12 -19.90 5.90
CA TRP K 102 37.79 -19.11 4.71
C TRP K 102 36.58 -18.21 4.96
N VAL K 103 36.67 -16.97 4.50
CA VAL K 103 35.54 -16.03 4.57
C VAL K 103 35.18 -15.55 3.16
N PHE K 104 33.96 -15.03 3.00
CA PHE K 104 33.43 -14.72 1.68
C PHE K 104 32.60 -13.43 1.68
N GLY K 105 32.42 -12.86 0.50
CA GLY K 105 31.52 -11.73 0.31
C GLY K 105 30.12 -12.20 -0.03
N GLY K 106 29.15 -11.31 0.10
CA GLY K 106 27.77 -11.62 -0.27
C GLY K 106 27.58 -11.76 -1.78
N GLY K 107 28.49 -11.17 -2.54
CA GLY K 107 28.51 -11.31 -3.99
C GLY K 107 27.97 -10.12 -4.74
N THR K 108 28.47 -9.92 -5.96
CA THR K 108 28.05 -8.83 -6.81
C THR K 108 27.57 -9.37 -8.17
N LYS K 109 26.32 -9.07 -8.50
CA LYS K 109 25.75 -9.48 -9.77
C LYS K 109 26.13 -8.48 -10.87
N VAL K 110 26.47 -9.02 -12.05
CA VAL K 110 26.76 -8.19 -13.21
C VAL K 110 25.68 -8.42 -14.27
N THR K 111 25.06 -7.33 -14.72
CA THR K 111 24.03 -7.35 -15.74
C THR K 111 24.39 -6.38 -16.86
N VAL K 112 24.24 -6.81 -18.10
CA VAL K 112 24.57 -5.97 -19.26
C VAL K 112 23.34 -5.18 -19.72
N LEU K 113 23.45 -3.85 -19.72
CA LEU K 113 22.36 -2.96 -20.12
C LEU K 113 22.15 -2.98 -21.63
N GLU L 1 51.58 -23.36 -3.58
CA GLU L 1 50.42 -23.78 -2.73
C GLU L 1 49.24 -22.80 -2.84
N LYS L 2 49.52 -21.59 -3.32
CA LYS L 2 48.53 -20.51 -3.39
C LYS L 2 47.28 -20.91 -4.18
N LEU L 3 47.49 -21.43 -5.39
CA LEU L 3 46.39 -21.84 -6.27
C LEU L 3 45.61 -23.02 -5.69
N MET L 4 46.35 -23.94 -5.07
CA MET L 4 45.76 -25.10 -4.40
C MET L 4 44.83 -24.66 -3.27
N LYS L 5 45.28 -23.67 -2.50
CA LYS L 5 44.48 -23.11 -1.42
C LYS L 5 43.27 -22.35 -1.94
N ALA L 6 43.40 -21.75 -3.12
CA ALA L 6 42.28 -21.08 -3.78
C ALA L 6 41.20 -22.09 -4.18
N PHE L 7 41.61 -23.29 -4.57
CA PHE L 7 40.66 -24.37 -4.84
C PHE L 7 40.03 -24.92 -3.56
N GLU L 8 40.73 -24.78 -2.45
CA GLU L 8 40.18 -25.13 -1.13
C GLU L 8 39.15 -24.10 -0.66
N SER L 9 39.36 -22.83 -1.03
CA SER L 9 38.42 -21.77 -0.71
C SER L 9 37.14 -21.90 -1.52
N LEU L 10 37.29 -22.37 -2.76
CA LEU L 10 36.15 -22.61 -3.65
C LEU L 10 35.35 -23.83 -3.21
N LYS L 11 36.06 -24.86 -2.72
CA LYS L 11 35.42 -26.06 -2.19
C LYS L 11 34.62 -25.74 -0.93
N SER L 12 35.17 -24.85 -0.11
CA SER L 12 34.49 -24.37 1.10
C SER L 12 33.35 -23.40 0.78
N PHE L 13 33.41 -22.78 -0.39
CA PHE L 13 32.34 -21.88 -0.86
C PHE L 13 31.11 -22.67 -1.30
N GLN L 14 31.33 -23.90 -1.73
CA GLN L 14 30.26 -24.80 -2.16
C GLN L 14 29.60 -25.51 -0.97
N PRO M 5 18.07 -13.11 -22.21
CA PRO M 5 17.08 -12.70 -21.22
C PRO M 5 15.82 -12.10 -21.88
N VAL M 6 14.87 -12.98 -22.21
CA VAL M 6 13.58 -12.56 -22.77
C VAL M 6 12.72 -11.97 -21.65
N LEU M 7 12.82 -12.54 -20.46
CA LEU M 7 12.08 -12.06 -19.29
C LEU M 7 12.91 -11.04 -18.51
N THR M 8 12.33 -9.87 -18.27
CA THR M 8 13.02 -8.79 -17.56
C THR M 8 12.79 -8.86 -16.05
N GLN M 9 13.88 -8.93 -15.30
CA GLN M 9 13.85 -8.89 -13.83
C GLN M 9 14.73 -7.77 -13.32
N SER M 10 14.46 -7.33 -12.10
CA SER M 10 15.33 -6.40 -11.39
C SER M 10 16.67 -7.09 -11.15
N PRO M 11 17.78 -6.35 -11.31
CA PRO M 11 19.09 -6.92 -10.98
C PRO M 11 19.17 -7.38 -9.52
N SER M 12 18.66 -6.56 -8.59
CA SER M 12 18.74 -6.86 -7.16
C SER M 12 17.74 -6.10 -6.30
N VAL M 13 17.24 -6.76 -5.25
CA VAL M 13 16.28 -6.18 -4.31
C VAL M 13 16.74 -6.42 -2.86
N SER M 14 16.37 -5.51 -1.96
CA SER M 14 16.74 -5.60 -0.54
C SER M 14 15.57 -5.32 0.41
N ALA M 15 15.64 -5.94 1.59
CA ALA M 15 14.76 -5.61 2.72
C ALA M 15 15.45 -5.91 4.04
N ALA M 16 14.87 -5.40 5.13
CA ALA M 16 15.35 -5.66 6.48
C ALA M 16 15.07 -7.12 6.87
N PRO M 17 15.69 -7.61 7.97
CA PRO M 17 15.30 -8.92 8.47
C PRO M 17 13.83 -8.94 8.84
N ARG M 18 13.16 -10.06 8.56
CA ARG M 18 11.74 -10.26 8.89
C ARG M 18 10.77 -9.41 8.04
N GLN M 19 11.32 -8.69 7.06
CA GLN M 19 10.53 -7.85 6.17
C GLN M 19 10.28 -8.56 4.85
N ARG M 20 9.27 -8.09 4.11
CA ARG M 20 8.91 -8.68 2.81
C ARG M 20 9.76 -8.14 1.66
N VAL M 21 10.21 -9.04 0.79
CA VAL M 21 10.75 -8.65 -0.52
C VAL M 21 9.85 -9.20 -1.64
N THR M 22 9.79 -8.49 -2.75
CA THR M 22 9.04 -8.94 -3.91
C THR M 22 9.94 -8.97 -5.14
N ILE M 23 10.19 -10.18 -5.63
CA ILE M 23 10.93 -10.39 -6.88
C ILE M 23 9.93 -10.39 -8.03
N SER M 24 10.04 -9.38 -8.89
CA SER M 24 9.10 -9.18 -9.97
C SER M 24 9.71 -9.54 -11.33
N VAL M 25 8.86 -9.94 -12.27
CA VAL M 25 9.28 -10.25 -13.64
C VAL M 25 8.22 -9.82 -14.64
N SER M 26 8.68 -9.30 -15.80
CA SER M 26 7.78 -8.92 -16.89
C SER M 26 8.25 -9.51 -18.22
N GLY M 27 7.31 -10.05 -18.97
CA GLY M 27 7.59 -10.62 -20.29
C GLY M 27 6.71 -10.05 -21.37
N SER M 28 6.24 -10.92 -22.27
CA SER M 28 5.32 -10.55 -23.33
C SER M 28 4.17 -11.57 -23.39
N ASN M 29 3.16 -11.28 -24.22
CA ASN M 29 1.97 -12.12 -24.33
C ASN M 29 2.27 -13.58 -24.71
N SER M 30 3.33 -13.78 -25.48
CA SER M 30 3.72 -15.11 -25.96
C SER M 30 4.40 -15.99 -24.91
N ASN M 31 4.85 -15.39 -23.81
CA ASN M 31 5.41 -16.18 -22.70
C ASN M 31 4.59 -16.12 -21.41
N ILE M 32 4.87 -15.14 -20.53
CA ILE M 32 4.15 -14.99 -19.26
C ILE M 32 2.66 -14.69 -19.48
N GLY M 33 2.34 -14.10 -20.63
CA GLY M 33 0.96 -13.80 -21.00
C GLY M 33 0.10 -15.04 -21.18
N SER M 34 0.68 -16.09 -21.77
CA SER M 34 -0.06 -17.31 -22.09
C SER M 34 0.47 -18.59 -21.41
N ASN M 35 1.50 -18.46 -20.59
CA ASN M 35 2.07 -19.62 -19.88
C ASN M 35 2.34 -19.36 -18.41
N THR M 36 2.20 -20.40 -17.58
CA THR M 36 2.43 -20.31 -16.14
C THR M 36 3.90 -20.10 -15.79
N VAL M 37 4.17 -19.64 -14.58
CA VAL M 37 5.50 -19.18 -14.19
C VAL M 37 6.14 -20.04 -13.10
N ASN M 38 7.36 -20.51 -13.39
CA ASN M 38 8.17 -21.24 -12.42
C ASN M 38 9.27 -20.36 -11.83
N TRP M 39 9.48 -20.47 -10.53
CA TRP M 39 10.54 -19.73 -9.86
C TRP M 39 11.69 -20.65 -9.45
N ILE M 40 12.91 -20.18 -9.70
CA ILE M 40 14.12 -20.95 -9.45
C ILE M 40 15.03 -20.20 -8.48
N GLN M 41 15.43 -20.89 -7.42
CA GLN M 41 16.29 -20.33 -6.38
C GLN M 41 17.70 -20.88 -6.50
N GLN M 42 18.70 -19.99 -6.42
CA GLN M 42 20.10 -20.43 -6.41
C GLN M 42 20.89 -19.73 -5.29
N LEU M 43 21.24 -20.51 -4.27
CA LEU M 43 22.02 -20.01 -3.14
C LEU M 43 23.47 -19.81 -3.54
N PRO M 44 24.18 -18.89 -2.86
CA PRO M 44 25.60 -18.68 -3.17
C PRO M 44 26.41 -19.97 -3.08
N GLY M 45 27.06 -20.34 -4.19
CA GLY M 45 27.91 -21.52 -4.24
C GLY M 45 27.18 -22.83 -4.47
N ARG M 46 25.86 -22.82 -4.32
CA ARG M 46 25.07 -24.03 -4.46
C ARG M 46 24.46 -24.13 -5.86
N ALA M 47 23.95 -25.32 -6.18
CA ALA M 47 23.22 -25.55 -7.42
C ALA M 47 21.81 -24.96 -7.29
N PRO M 48 21.19 -24.57 -8.42
CA PRO M 48 19.83 -24.03 -8.38
C PRO M 48 18.77 -25.10 -8.06
N GLU M 49 17.68 -24.67 -7.43
CA GLU M 49 16.57 -25.56 -7.09
C GLU M 49 15.26 -24.96 -7.54
N LEU M 50 14.30 -25.83 -7.87
CA LEU M 50 12.94 -25.39 -8.16
C LEU M 50 12.30 -24.92 -6.85
N LEU M 51 11.76 -23.71 -6.88
CA LEU M 51 11.16 -23.10 -5.70
C LEU M 51 9.64 -23.10 -5.82
N MET M 52 9.14 -22.57 -6.92
CA MET M 52 7.72 -22.50 -7.20
C MET M 52 7.45 -22.87 -8.65
N TYR M 53 6.31 -23.51 -8.88
CA TYR M 53 5.87 -23.87 -10.21
C TYR M 53 4.38 -23.60 -10.37
N ASP M 54 3.93 -23.52 -11.63
CA ASP M 54 2.51 -23.35 -11.94
C ASP M 54 1.96 -22.08 -11.29
N ASP M 55 2.76 -21.01 -11.35
CA ASP M 55 2.42 -19.70 -10.75
C ASP M 55 2.52 -19.67 -9.21
N ASP M 56 1.76 -20.53 -8.54
CA ASP M 56 1.57 -20.42 -7.09
C ASP M 56 1.66 -21.73 -6.29
N LEU M 57 2.23 -22.76 -6.90
CA LEU M 57 2.42 -24.04 -6.21
C LEU M 57 3.87 -24.22 -5.77
N LEU M 58 4.06 -24.37 -4.46
CA LEU M 58 5.39 -24.58 -3.89
C LEU M 58 5.97 -25.93 -4.31
N ALA M 59 7.25 -25.92 -4.67
CA ALA M 59 7.96 -27.14 -5.02
C ALA M 59 8.20 -27.99 -3.77
N PRO M 60 8.45 -29.30 -3.94
CA PRO M 60 8.66 -30.21 -2.81
C PRO M 60 9.82 -29.77 -1.89
N GLY M 61 9.50 -29.55 -0.61
CA GLY M 61 10.53 -29.22 0.39
C GLY M 61 10.69 -27.75 0.68
N VAL M 62 10.05 -26.90 -0.12
CA VAL M 62 10.19 -25.46 -0.03
C VAL M 62 9.42 -24.89 1.16
N SER M 63 10.01 -23.89 1.80
CA SER M 63 9.39 -23.17 2.93
C SER M 63 8.10 -22.48 2.51
N ASP M 64 7.14 -22.43 3.43
CA ASP M 64 5.84 -21.80 3.19
C ASP M 64 5.88 -20.27 3.16
N ARG M 65 7.04 -19.69 3.47
CA ARG M 65 7.21 -18.23 3.46
C ARG M 65 7.28 -17.66 2.03
N PHE M 66 7.42 -18.55 1.04
CA PHE M 66 7.38 -18.16 -0.37
C PHE M 66 5.96 -18.27 -0.93
N SER M 67 5.55 -17.25 -1.67
CA SER M 67 4.29 -17.28 -2.41
C SER M 67 4.47 -16.69 -3.80
N GLY M 68 3.76 -17.26 -4.77
CA GLY M 68 3.88 -16.84 -6.17
C GLY M 68 2.63 -16.21 -6.74
N SER M 69 2.81 -15.37 -7.76
CA SER M 69 1.71 -14.64 -8.38
C SER M 69 1.95 -14.45 -9.88
N ARG M 70 0.86 -14.37 -10.65
CA ARG M 70 0.90 -14.01 -12.07
C ARG M 70 -0.32 -13.16 -12.43
N SER M 71 -0.09 -12.09 -13.19
CA SER M 71 -1.15 -11.20 -13.62
C SER M 71 -0.79 -10.55 -14.95
N GLY M 72 -1.53 -10.91 -16.00
CA GLY M 72 -1.26 -10.41 -17.36
C GLY M 72 0.09 -10.90 -17.87
N THR M 73 0.92 -9.95 -18.29
CA THR M 73 2.25 -10.25 -18.84
C THR M 73 3.36 -10.19 -17.78
N SER M 74 2.99 -10.07 -16.52
CA SER M 74 3.97 -9.99 -15.45
C SER M 74 3.65 -10.92 -14.28
N ALA M 75 4.69 -11.39 -13.60
CA ALA M 75 4.55 -12.26 -12.45
C ALA M 75 5.48 -11.82 -11.33
N SER M 76 5.27 -12.35 -10.13
CA SER M 76 6.07 -11.98 -8.97
C SER M 76 6.19 -13.08 -7.93
N LEU M 77 7.30 -13.05 -7.19
CA LEU M 77 7.55 -13.95 -6.08
C LEU M 77 7.74 -13.13 -4.81
N THR M 78 7.00 -13.49 -3.76
CA THR M 78 7.06 -12.77 -2.50
C THR M 78 7.67 -13.65 -1.42
N ILE M 79 8.75 -13.16 -0.82
CA ILE M 79 9.37 -13.82 0.33
C ILE M 79 8.91 -13.12 1.60
N SER M 80 8.13 -13.83 2.41
CA SER M 80 7.65 -13.30 3.68
C SER M 80 8.69 -13.53 4.78
N GLY M 81 8.84 -12.53 5.65
CA GLY M 81 9.77 -12.58 6.78
C GLY M 81 11.19 -12.95 6.39
N LEU M 82 11.83 -12.07 5.61
CA LEU M 82 13.17 -12.33 5.06
C LEU M 82 14.16 -12.83 6.11
N GLN M 83 14.83 -13.93 5.78
CA GLN M 83 15.87 -14.51 6.62
C GLN M 83 17.20 -14.51 5.87
N SER M 84 18.28 -14.82 6.59
CA SER M 84 19.61 -14.90 5.99
C SER M 84 19.74 -16.06 5.02
N GLU M 85 19.00 -17.14 5.28
CA GLU M 85 18.98 -18.31 4.40
C GLU M 85 18.26 -18.02 3.07
N ASP M 86 17.50 -16.93 3.04
CA ASP M 86 16.77 -16.52 1.83
C ASP M 86 17.69 -15.85 0.82
N GLU M 87 18.81 -15.32 1.28
CA GLU M 87 19.77 -14.62 0.42
C GLU M 87 20.25 -15.53 -0.69
N ALA M 88 19.86 -15.19 -1.92
CA ALA M 88 20.12 -15.99 -3.11
C ALA M 88 19.76 -15.19 -4.37
N ASP M 89 19.95 -15.81 -5.53
CA ASP M 89 19.46 -15.28 -6.79
C ASP M 89 18.19 -16.01 -7.19
N TYR M 90 17.17 -15.26 -7.59
CA TYR M 90 15.88 -15.84 -7.97
C TYR M 90 15.58 -15.58 -9.44
N TYR M 91 15.27 -16.67 -10.15
CA TYR M 91 15.07 -16.64 -11.59
C TYR M 91 13.66 -17.04 -11.97
N ALA M 92 13.03 -16.21 -12.80
CA ALA M 92 11.73 -16.55 -13.38
C ALA M 92 11.93 -17.47 -14.57
N ALA M 93 11.02 -18.43 -14.71
CA ALA M 93 11.07 -19.39 -15.80
C ALA M 93 9.66 -19.62 -16.35
N THR M 94 9.56 -19.67 -17.68
CA THR M 94 8.29 -19.91 -18.34
C THR M 94 8.48 -20.40 -19.78
N TRP M 95 7.46 -21.07 -20.30
CA TRP M 95 7.44 -21.53 -21.68
C TRP M 95 7.14 -20.35 -22.62
N ASP M 96 7.74 -20.38 -23.81
CA ASP M 96 7.50 -19.34 -24.81
C ASP M 96 6.91 -19.95 -26.08
N ASP M 97 5.66 -19.59 -26.38
CA ASP M 97 4.94 -20.10 -27.53
C ASP M 97 5.60 -19.77 -28.87
N SER M 98 6.21 -18.59 -28.94
CA SER M 98 6.81 -18.12 -30.19
C SER M 98 8.25 -18.62 -30.42
N LEU M 99 8.74 -19.44 -29.51
CA LEU M 99 10.05 -20.09 -29.66
C LEU M 99 9.96 -21.60 -29.42
N ASN M 100 8.84 -22.03 -28.84
CA ASN M 100 8.59 -23.43 -28.47
C ASN M 100 9.68 -23.99 -27.55
N GLY M 101 10.11 -23.17 -26.60
CA GLY M 101 11.13 -23.55 -25.62
C GLY M 101 11.13 -22.65 -24.40
N TRP M 102 11.93 -23.03 -23.40
CA TRP M 102 12.02 -22.27 -22.15
C TRP M 102 12.78 -20.96 -22.32
N VAL M 103 12.20 -19.89 -21.77
CA VAL M 103 12.89 -18.61 -21.62
C VAL M 103 13.08 -18.31 -20.14
N PHE M 104 14.10 -17.50 -19.81
CA PHE M 104 14.42 -17.20 -18.42
C PHE M 104 14.66 -15.72 -18.18
N GLY M 105 14.51 -15.30 -16.93
CA GLY M 105 14.82 -13.94 -16.52
C GLY M 105 16.28 -13.79 -16.16
N GLY M 106 16.79 -12.56 -16.27
CA GLY M 106 18.18 -12.26 -15.95
C GLY M 106 18.58 -12.61 -14.53
N GLY M 107 17.58 -12.81 -13.66
CA GLY M 107 17.80 -13.15 -12.26
C GLY M 107 17.77 -11.93 -11.35
N THR M 108 17.29 -12.15 -10.13
CA THR M 108 17.24 -11.10 -9.12
C THR M 108 17.96 -11.55 -7.86
N LYS M 109 18.99 -10.79 -7.47
CA LYS M 109 19.72 -11.05 -6.24
C LYS M 109 19.00 -10.44 -5.06
N VAL M 110 18.77 -11.25 -4.04
CA VAL M 110 18.10 -10.81 -2.82
C VAL M 110 19.12 -10.68 -1.69
N THR M 111 19.04 -9.56 -0.96
CA THR M 111 19.97 -9.23 0.12
C THR M 111 19.22 -8.74 1.35
N VAL M 112 19.78 -9.00 2.53
CA VAL M 112 19.23 -8.53 3.81
C VAL M 112 19.95 -7.24 4.24
N LEU M 113 19.17 -6.23 4.64
CA LEU M 113 19.73 -4.95 5.08
C LEU M 113 20.20 -4.99 6.54
N SER M 114 21.50 -4.76 6.73
CA SER M 114 22.10 -4.73 8.07
C SER M 114 23.24 -3.71 8.11
N GLU N 1 1.69 -34.02 -13.78
CA GLU N 1 2.25 -33.80 -15.13
C GLU N 1 2.94 -32.44 -15.27
N LYS N 2 2.37 -31.43 -14.61
CA LYS N 2 2.90 -30.06 -14.63
C LYS N 2 4.21 -29.95 -13.84
N LEU N 3 4.34 -30.75 -12.79
CA LEU N 3 5.53 -30.73 -11.94
C LEU N 3 6.76 -31.29 -12.63
N MET N 4 6.57 -32.36 -13.43
CA MET N 4 7.67 -32.94 -14.19
C MET N 4 8.19 -31.97 -15.26
N LYS N 5 7.29 -31.17 -15.83
CA LYS N 5 7.65 -30.15 -16.80
C LYS N 5 8.31 -28.95 -16.11
N ALA N 6 7.93 -28.72 -14.86
CA ALA N 6 8.55 -27.67 -14.05
C ALA N 6 10.01 -28.01 -13.73
N PHE N 7 10.26 -29.29 -13.46
CA PHE N 7 11.62 -29.77 -13.24
C PHE N 7 12.45 -29.71 -14.52
N GLU N 8 11.78 -29.91 -15.66
CA GLU N 8 12.40 -29.80 -16.98
C GLU N 8 12.90 -28.39 -17.27
N SER N 9 12.14 -27.39 -16.82
CA SER N 9 12.53 -25.99 -16.99
C SER N 9 13.84 -25.68 -16.27
N LEU N 10 14.03 -26.30 -15.11
CA LEU N 10 15.27 -26.13 -14.35
C LEU N 10 16.43 -26.89 -14.98
N LYS N 11 16.16 -28.11 -15.45
CA LYS N 11 17.16 -28.89 -16.18
C LYS N 11 17.67 -28.08 -17.36
N SER N 12 16.74 -27.43 -18.06
CA SER N 12 17.07 -26.54 -19.17
C SER N 12 17.84 -25.31 -18.69
N PHE N 13 17.42 -24.76 -17.55
CA PHE N 13 18.06 -23.57 -16.97
C PHE N 13 19.52 -23.81 -16.60
N GLN N 14 19.76 -24.83 -15.78
CA GLN N 14 21.11 -25.18 -15.34
C GLN N 14 21.87 -25.99 -16.39
N SER O 3 31.86 8.53 8.36
CA SER O 3 30.57 8.40 9.11
C SER O 3 29.41 8.26 8.13
N GLN O 4 28.61 7.21 8.32
CA GLN O 4 27.53 6.87 7.39
C GLN O 4 26.14 7.13 7.98
N PRO O 5 25.10 7.24 7.11
CA PRO O 5 23.71 7.39 7.56
C PRO O 5 23.28 6.30 8.54
N VAL O 6 22.50 6.70 9.54
CA VAL O 6 22.10 5.80 10.64
C VAL O 6 21.03 4.80 10.18
N LEU O 7 20.29 5.18 9.14
CA LEU O 7 19.31 4.28 8.52
C LEU O 7 19.92 3.63 7.29
N THR O 8 19.66 2.33 7.12
CA THR O 8 20.32 1.54 6.09
C THR O 8 19.40 1.20 4.91
N GLN O 9 19.80 1.68 3.72
CA GLN O 9 19.11 1.35 2.47
C GLN O 9 20.07 0.69 1.47
N SER O 10 19.53 -0.02 0.50
CA SER O 10 20.30 -0.54 -0.62
C SER O 10 20.58 0.59 -1.61
N PRO O 11 21.67 0.48 -2.41
CA PRO O 11 22.06 1.52 -3.36
C PRO O 11 21.02 1.84 -4.45
N SER O 12 20.58 0.83 -5.21
CA SER O 12 19.71 1.09 -6.35
C SER O 12 18.75 -0.05 -6.67
N VAL O 13 17.62 0.31 -7.27
CA VAL O 13 16.68 -0.66 -7.80
C VAL O 13 16.31 -0.29 -9.24
N SER O 14 16.26 -1.30 -10.11
CA SER O 14 15.96 -1.07 -11.52
C SER O 14 14.86 -2.02 -11.97
N ALA O 15 13.81 -1.46 -12.57
CA ALA O 15 12.68 -2.25 -13.04
C ALA O 15 12.17 -1.78 -14.40
N ALA O 16 11.36 -2.63 -15.04
CA ALA O 16 10.71 -2.30 -16.29
C ALA O 16 9.50 -1.39 -16.03
N PRO O 17 9.05 -0.63 -17.05
CA PRO O 17 7.86 0.21 -16.90
C PRO O 17 6.63 -0.54 -16.39
N ARG O 18 5.77 0.15 -15.65
CA ARG O 18 4.51 -0.39 -15.12
C ARG O 18 4.66 -1.48 -14.04
N GLN O 19 5.90 -1.74 -13.62
CA GLN O 19 6.17 -2.71 -12.57
C GLN O 19 6.03 -2.08 -11.18
N ARG O 20 5.99 -2.93 -10.16
CA ARG O 20 5.85 -2.49 -8.77
C ARG O 20 7.18 -2.64 -8.04
N VAL O 21 7.71 -1.54 -7.54
CA VAL O 21 8.98 -1.53 -6.81
C VAL O 21 8.83 -1.05 -5.37
N THR O 22 9.58 -1.68 -4.47
CA THR O 22 9.53 -1.35 -3.05
C THR O 22 10.93 -0.99 -2.54
N ILE O 23 11.04 0.21 -1.99
CA ILE O 23 12.28 0.69 -1.38
C ILE O 23 12.22 0.49 0.13
N SER O 24 13.14 -0.32 0.66
CA SER O 24 13.15 -0.65 2.08
C SER O 24 14.22 0.10 2.85
N VAL O 25 14.05 0.14 4.17
CA VAL O 25 15.04 0.73 5.07
C VAL O 25 15.00 0.00 6.43
N SER O 26 16.17 -0.29 6.99
CA SER O 26 16.25 -0.86 8.33
C SER O 26 16.91 0.11 9.29
N GLY O 27 16.29 0.30 10.44
CA GLY O 27 16.83 1.14 11.50
C GLY O 27 16.96 0.40 12.81
N SER O 28 16.88 1.14 13.91
CA SER O 28 16.93 0.56 15.25
C SER O 28 15.67 0.92 16.04
N ASN O 29 15.68 0.65 17.34
CA ASN O 29 14.55 0.97 18.21
C ASN O 29 14.50 2.44 18.61
N SER O 30 15.66 3.10 18.56
CA SER O 30 15.79 4.51 18.94
C SER O 30 15.33 5.47 17.83
N ASN O 31 15.22 4.95 16.61
CA ASN O 31 14.67 5.74 15.49
C ASN O 31 13.37 5.19 14.90
N ILE O 32 13.46 4.34 13.87
CA ILE O 32 12.28 3.80 13.19
C ILE O 32 11.38 3.01 14.14
N GLY O 33 12.01 2.37 15.14
CA GLY O 33 11.30 1.60 16.16
C GLY O 33 10.27 2.39 16.94
N SER O 34 10.64 3.60 17.37
CA SER O 34 9.79 4.41 18.25
C SER O 34 9.31 5.73 17.64
N ASN O 35 9.62 5.94 16.36
CA ASN O 35 9.20 7.16 15.64
C ASN O 35 8.67 6.87 14.25
N THR O 36 7.70 7.68 13.81
CA THR O 36 7.12 7.55 12.47
C THR O 36 8.10 7.96 11.37
N VAL O 37 7.86 7.44 10.17
CA VAL O 37 8.82 7.54 9.07
C VAL O 37 8.33 8.46 7.96
N ASN O 38 9.20 9.37 7.55
CA ASN O 38 8.99 10.24 6.40
C ASN O 38 9.76 9.71 5.20
N TRP O 39 9.31 10.04 4.00
CA TRP O 39 10.02 9.70 2.78
C TRP O 39 10.29 10.96 1.95
N ILE O 40 11.50 11.02 1.39
CA ILE O 40 11.95 12.18 0.62
C ILE O 40 12.42 11.74 -0.77
N GLN O 41 11.82 12.32 -1.79
CA GLN O 41 12.21 12.09 -3.18
C GLN O 41 13.08 13.23 -3.68
N GLN O 42 14.17 12.88 -4.39
CA GLN O 42 14.99 13.88 -5.06
C GLN O 42 15.22 13.54 -6.52
N LEU O 43 14.70 14.39 -7.39
CA LEU O 43 14.85 14.22 -8.83
C LEU O 43 16.22 14.74 -9.30
N PRO O 44 16.76 14.17 -10.38
CA PRO O 44 18.07 14.58 -10.91
C PRO O 44 18.16 16.08 -11.15
N GLY O 45 19.08 16.74 -10.44
CA GLY O 45 19.32 18.17 -10.60
C GLY O 45 18.43 19.08 -9.76
N ARG O 46 17.40 18.51 -9.15
CA ARG O 46 16.41 19.30 -8.42
C ARG O 46 16.57 19.17 -6.91
N ALA O 47 16.01 20.13 -6.18
CA ALA O 47 15.96 20.09 -4.74
C ALA O 47 15.11 18.91 -4.28
N PRO O 48 15.40 18.34 -3.09
CA PRO O 48 14.58 17.24 -2.61
C PRO O 48 13.20 17.71 -2.17
N GLU O 49 12.20 16.84 -2.32
CA GLU O 49 10.84 17.18 -1.90
C GLU O 49 10.30 16.13 -0.93
N LEU O 50 9.44 16.58 -0.01
CA LEU O 50 8.75 15.66 0.88
C LEU O 50 7.75 14.85 0.09
N LEU O 51 7.88 13.53 0.19
CA LEU O 51 7.07 12.60 -0.57
C LEU O 51 5.97 12.01 0.31
N MET O 52 6.38 11.45 1.45
CA MET O 52 5.46 10.86 2.42
C MET O 52 5.83 11.27 3.85
N TYR O 53 4.86 11.19 4.75
CA TYR O 53 5.07 11.48 6.16
C TYR O 53 4.16 10.59 7.00
N ASP O 54 4.46 10.49 8.29
CA ASP O 54 3.71 9.66 9.23
C ASP O 54 3.47 8.26 8.65
N ASP O 55 4.57 7.60 8.28
CA ASP O 55 4.56 6.24 7.72
C ASP O 55 3.93 6.13 6.33
N ASP O 56 2.64 6.41 6.23
CA ASP O 56 1.87 6.11 5.02
C ASP O 56 0.97 7.25 4.52
N LEU O 57 1.15 8.46 5.05
CA LEU O 57 0.39 9.61 4.59
C LEU O 57 1.12 10.36 3.47
N LEU O 58 0.37 10.75 2.45
CA LEU O 58 0.94 11.44 1.29
C LEU O 58 1.01 12.95 1.49
N ALA O 59 2.19 13.50 1.24
CA ALA O 59 2.39 14.95 1.21
C ALA O 59 1.61 15.57 0.05
N PRO O 60 1.09 16.81 0.24
CA PRO O 60 0.25 17.46 -0.76
C PRO O 60 0.90 17.60 -2.14
N GLY O 61 0.24 17.08 -3.17
CA GLY O 61 0.73 17.16 -4.53
C GLY O 61 1.29 15.85 -5.06
N VAL O 62 1.79 15.02 -4.14
CA VAL O 62 2.38 13.73 -4.49
C VAL O 62 1.31 12.74 -4.97
N SER O 63 1.66 11.98 -6.01
CA SER O 63 0.77 10.97 -6.59
C SER O 63 0.53 9.82 -5.62
N ASP O 64 -0.69 9.29 -5.63
CA ASP O 64 -1.04 8.17 -4.75
C ASP O 64 -0.60 6.81 -5.29
N ARG O 65 0.28 6.83 -6.30
CA ARG O 65 0.98 5.63 -6.75
C ARG O 65 2.06 5.28 -5.72
N PHE O 66 2.32 6.22 -4.82
CA PHE O 66 3.22 6.01 -3.69
C PHE O 66 2.43 5.57 -2.45
N SER O 67 3.02 4.63 -1.72
CA SER O 67 2.50 4.20 -0.42
C SER O 67 3.66 3.75 0.46
N GLY O 68 3.48 3.87 1.77
CA GLY O 68 4.50 3.49 2.73
C GLY O 68 4.00 2.53 3.78
N SER O 69 4.91 2.06 4.63
CA SER O 69 4.57 1.20 5.76
C SER O 69 5.68 1.20 6.80
N ARG O 70 5.33 0.87 8.04
CA ARG O 70 6.30 0.71 9.12
C ARG O 70 5.97 -0.51 9.99
N SER O 71 6.98 -1.29 10.32
CA SER O 71 6.84 -2.47 11.16
C SER O 71 8.10 -2.70 11.98
N GLY O 72 7.96 -2.61 13.30
CA GLY O 72 9.09 -2.77 14.21
C GLY O 72 10.19 -1.76 13.98
N THR O 73 11.32 -2.24 13.48
CA THR O 73 12.51 -1.41 13.24
C THR O 73 12.73 -1.09 11.76
N SER O 74 11.80 -1.53 10.91
CA SER O 74 11.93 -1.32 9.47
C SER O 74 10.73 -0.60 8.85
N ALA O 75 10.98 0.04 7.71
CA ALA O 75 9.95 0.76 6.96
C ALA O 75 10.13 0.53 5.45
N SER O 76 9.09 0.82 4.67
CA SER O 76 9.16 0.65 3.23
C SER O 76 8.41 1.73 2.43
N LEU O 77 8.82 1.93 1.19
CA LEU O 77 8.15 2.83 0.26
C LEU O 77 7.88 2.11 -1.06
N THR O 78 6.60 2.05 -1.43
CA THR O 78 6.15 1.31 -2.60
C THR O 78 5.72 2.24 -3.72
N ILE O 79 6.24 1.99 -4.92
CA ILE O 79 5.84 2.74 -6.11
C ILE O 79 5.06 1.82 -7.04
N SER O 80 3.83 2.22 -7.36
CA SER O 80 2.96 1.44 -8.23
C SER O 80 3.00 1.98 -9.64
N GLY O 81 3.02 1.06 -10.61
CA GLY O 81 3.04 1.42 -12.03
C GLY O 81 4.21 2.32 -12.39
N LEU O 82 5.43 1.79 -12.22
CA LEU O 82 6.67 2.54 -12.45
C LEU O 82 6.65 3.36 -13.74
N GLN O 83 6.87 4.65 -13.60
CA GLN O 83 6.88 5.58 -14.72
C GLN O 83 8.24 6.28 -14.82
N SER O 84 8.56 6.78 -16.01
CA SER O 84 9.81 7.47 -16.28
C SER O 84 10.08 8.62 -15.30
N GLU O 85 9.04 9.36 -14.94
CA GLU O 85 9.16 10.49 -14.01
C GLU O 85 9.41 10.08 -12.55
N ASP O 86 9.33 8.78 -12.27
CA ASP O 86 9.64 8.25 -10.94
C ASP O 86 11.14 8.06 -10.74
N GLU O 87 11.92 8.30 -11.80
CA GLU O 87 13.37 8.18 -11.74
C GLU O 87 13.99 9.22 -10.82
N ALA O 88 14.41 8.76 -9.64
CA ALA O 88 14.89 9.64 -8.58
C ALA O 88 15.65 8.85 -7.51
N ASP O 89 16.19 9.57 -6.53
CA ASP O 89 16.76 8.96 -5.33
C ASP O 89 15.79 9.14 -4.18
N TYR O 90 15.51 8.05 -3.47
CA TYR O 90 14.49 8.04 -2.43
C TYR O 90 15.09 7.79 -1.05
N TYR O 91 14.91 8.77 -0.17
CA TYR O 91 15.51 8.76 1.17
C TYR O 91 14.48 8.60 2.27
N ALA O 92 14.76 7.73 3.23
CA ALA O 92 13.92 7.57 4.41
C ALA O 92 14.39 8.51 5.51
N ALA O 93 13.42 9.13 6.20
CA ALA O 93 13.72 10.07 7.27
C ALA O 93 12.90 9.76 8.52
N THR O 94 13.51 9.96 9.68
CA THR O 94 12.83 9.79 10.97
C THR O 94 13.65 10.40 12.13
N TRP O 95 13.01 10.58 13.28
CA TRP O 95 13.65 11.13 14.47
C TRP O 95 14.36 10.02 15.26
N ASP O 96 15.56 10.31 15.75
CA ASP O 96 16.30 9.38 16.58
C ASP O 96 16.39 9.89 18.02
N ASP O 97 15.77 9.16 18.95
CA ASP O 97 15.72 9.55 20.36
C ASP O 97 17.08 9.56 21.06
N SER O 98 17.92 8.57 20.75
CA SER O 98 19.23 8.45 21.40
C SER O 98 20.20 9.55 20.95
N LEU O 99 20.07 9.96 19.70
CA LEU O 99 20.88 11.05 19.14
C LEU O 99 20.22 12.40 19.35
N ASN O 100 18.92 12.38 19.67
CA ASN O 100 18.09 13.58 19.83
C ASN O 100 18.12 14.51 18.60
N GLY O 101 18.09 13.88 17.42
CA GLY O 101 18.10 14.60 16.15
C GLY O 101 17.55 13.75 15.01
N TRP O 102 17.38 14.37 13.85
CA TRP O 102 16.88 13.68 12.65
C TRP O 102 17.92 12.75 12.04
N VAL O 103 17.49 11.56 11.64
CA VAL O 103 18.36 10.63 10.90
C VAL O 103 17.73 10.22 9.57
N PHE O 104 18.58 9.92 8.60
CA PHE O 104 18.14 9.62 7.25
C PHE O 104 18.75 8.35 6.71
N GLY O 105 18.18 7.83 5.63
CA GLY O 105 18.79 6.72 4.89
C GLY O 105 19.75 7.26 3.84
N GLY O 106 20.54 6.38 3.26
CA GLY O 106 21.54 6.75 2.26
C GLY O 106 20.97 6.98 0.88
N GLY O 107 19.69 6.67 0.72
CA GLY O 107 19.02 6.81 -0.57
C GLY O 107 19.07 5.55 -1.42
N THR O 108 18.09 5.41 -2.28
CA THR O 108 18.02 4.31 -3.22
C THR O 108 17.61 4.87 -4.58
N LYS O 109 18.41 4.62 -5.60
CA LYS O 109 18.13 5.15 -6.93
C LYS O 109 17.16 4.25 -7.70
N VAL O 110 16.13 4.87 -8.27
CA VAL O 110 15.18 4.16 -9.10
C VAL O 110 15.46 4.45 -10.58
N THR O 111 15.64 3.37 -11.35
CA THR O 111 15.95 3.47 -12.77
C THR O 111 14.99 2.58 -13.58
N VAL O 112 14.63 3.05 -14.79
CA VAL O 112 13.72 2.32 -15.68
C VAL O 112 14.50 1.57 -16.78
N LEU O 113 14.36 0.25 -16.81
CA LEU O 113 15.08 -0.59 -17.77
C LEU O 113 14.42 -0.62 -19.15
N GLU P 1 0.79 18.78 13.41
CA GLU P 1 2.13 18.66 14.04
C GLU P 1 3.06 17.77 13.20
N LYS P 2 2.53 16.61 12.79
CA LYS P 2 3.30 15.59 12.07
C LYS P 2 3.79 16.04 10.69
N LEU P 3 2.92 16.70 9.94
CA LEU P 3 3.29 17.24 8.62
C LEU P 3 4.33 18.36 8.75
N MET P 4 4.08 19.28 9.68
CA MET P 4 5.02 20.35 10.03
C MET P 4 6.39 19.77 10.38
N LYS P 5 6.39 18.70 11.18
CA LYS P 5 7.60 18.03 11.63
C LYS P 5 8.35 17.40 10.47
N ALA P 6 7.61 16.87 9.49
CA ALA P 6 8.20 16.25 8.31
C ALA P 6 8.91 17.27 7.42
N PHE P 7 8.40 18.51 7.40
CA PHE P 7 9.04 19.60 6.68
C PHE P 7 10.31 20.09 7.38
N GLU P 8 10.39 19.85 8.69
CA GLU P 8 11.60 20.14 9.46
C GLU P 8 12.69 19.12 9.15
N SER P 9 12.28 17.86 8.97
CA SER P 9 13.21 16.80 8.61
C SER P 9 13.75 16.99 7.19
N LEU P 10 12.91 17.51 6.30
CA LEU P 10 13.32 17.80 4.93
C LEU P 10 14.36 18.92 4.88
N LYS P 11 14.10 20.00 5.62
CA LYS P 11 15.03 21.13 5.67
C LYS P 11 16.33 20.79 6.40
N SER P 12 16.25 19.83 7.33
CA SER P 12 17.44 19.29 7.99
C SER P 12 18.25 18.42 7.02
N PHE P 13 17.55 17.78 6.09
CA PHE P 13 18.16 16.92 5.06
C PHE P 13 18.89 17.73 4.00
N GLN P 14 18.33 18.89 3.64
CA GLN P 14 18.91 19.75 2.62
C GLN P 14 19.83 20.84 3.20
#